data_1KZH
#
_entry.id   1KZH
#
_cell.length_a   85.098
_cell.length_b   97.926
_cell.length_c   148.173
_cell.angle_alpha   90.00
_cell.angle_beta   90.00
_cell.angle_gamma   90.00
#
_symmetry.space_group_name_H-M   'P 21 21 21'
#
loop_
_entity.id
_entity.type
_entity.pdbx_description
1 polymer phosphofructokinase
2 non-polymer 'SULFATE ION'
3 water water
#
_entity_poly.entity_id   1
_entity_poly.type   'polypeptide(L)'
_entity_poly.pdbx_seq_one_letter_code
;MNTSLFKQERQKYIPKLPNILKKDFNNISLVYGENTEAIQDRQALKEFFKNTYGLPIISFTEGESSLSFSKALNIGIILS
GGPAPGGHNVISGVFDAIKKFNPNSKLFGFKGGPLGLLENDKIELTESLINSYRNTGGFDIVSSGRTKIETEEHYNKALF
VAKENNLNAIIIIGGDDSNTNAAILAEYFKKNGENIQVIGVPKTIDADLRNDHIEISFGFDSATKIYSELIGNLCRDAMS
TKKYWHFVKLMGRSASHVALECALKTHPNICIVSEEVLAKKKTLSEIIDEMVSVILKRSLNGDNFGVVIVPEGLIEFIPE
VKSLMLELCDIFDKNEGEFKGLNIEKMKEIFVAKLSDYMKGVYLSLPLFIQFELIKSILERDPHGNFNVSRVPTEKLFIE
MIQSRLNDMKKRGEYKGSFTPVDHFFGYEGRSAFPSNFDSDYCYSLGYNAVVLILNGLTGYMSCIKNLNLKPTDWIAGGV
PLTMLMNMEERYGEKKPVIKKALVDLEGRPFKEFVKNRDKWALNNLYLYPGPVQYFGSSEIVDEITETLKLELFK
;
_entity_poly.pdbx_strand_id   A,B
#
# COMPACT_ATOMS: atom_id res chain seq x y z
N SER A 4 -13.82 -2.54 13.64
CA SER A 4 -13.21 -3.73 12.97
C SER A 4 -13.09 -4.88 13.97
N LEU A 5 -13.43 -6.11 13.56
CA LEU A 5 -13.29 -7.25 14.46
C LEU A 5 -11.82 -7.45 14.85
N PHE A 6 -10.91 -7.36 13.88
CA PHE A 6 -9.49 -7.23 14.17
C PHE A 6 -9.26 -6.19 15.27
N LYS A 7 -9.76 -4.98 15.07
CA LYS A 7 -9.62 -3.89 16.03
C LYS A 7 -9.99 -4.34 17.45
N GLN A 8 -11.13 -5.00 17.61
CA GLN A 8 -11.62 -5.40 18.92
C GLN A 8 -10.66 -6.36 19.62
N GLU A 9 -10.10 -7.32 18.89
CA GLU A 9 -9.17 -8.29 19.47
C GLU A 9 -7.80 -7.69 19.76
N ARG A 10 -7.28 -6.86 18.85
CA ARG A 10 -5.95 -6.31 19.00
C ARG A 10 -5.94 -5.33 20.17
N GLN A 11 -7.10 -4.74 20.46
CA GLN A 11 -7.22 -3.80 21.56
C GLN A 11 -6.91 -4.49 22.88
N LYS A 12 -6.91 -5.82 22.88
CA LYS A 12 -6.83 -6.60 24.12
C LYS A 12 -5.38 -6.98 24.43
N TYR A 13 -4.50 -6.91 23.44
CA TYR A 13 -3.11 -7.25 23.63
C TYR A 13 -2.48 -6.48 24.79
N ILE A 14 -1.78 -7.18 25.69
CA ILE A 14 -1.05 -6.53 26.78
C ILE A 14 0.41 -6.32 26.38
N PRO A 15 0.79 -5.08 26.08
CA PRO A 15 2.19 -4.77 25.74
C PRO A 15 3.14 -5.26 26.80
N LYS A 16 4.36 -5.62 26.43
CA LYS A 16 5.29 -6.24 27.36
C LYS A 16 6.35 -5.24 27.82
N LEU A 17 6.54 -5.11 29.12
CA LEU A 17 7.50 -4.16 29.69
C LEU A 17 8.85 -4.82 29.97
N PRO A 18 9.89 -3.99 30.16
CA PRO A 18 11.16 -4.43 30.76
C PRO A 18 10.93 -4.89 32.19
N ASN A 19 11.63 -5.93 32.63
CA ASN A 19 11.42 -6.47 33.96
C ASN A 19 11.61 -5.39 35.02
N ILE A 20 12.57 -4.49 34.82
CA ILE A 20 12.84 -3.44 35.78
C ILE A 20 11.65 -2.51 35.96
N LEU A 21 10.88 -2.24 34.90
CA LEU A 21 9.77 -1.31 35.00
C LEU A 21 8.55 -1.94 35.66
N LYS A 22 8.57 -3.24 35.94
CA LYS A 22 7.49 -3.87 36.67
C LYS A 22 7.64 -3.73 38.19
N LYS A 23 8.80 -3.25 38.66
CA LYS A 23 9.06 -3.13 40.08
C LYS A 23 8.29 -1.93 40.64
N ASP A 24 8.06 -1.88 41.95
CA ASP A 24 7.56 -0.67 42.57
C ASP A 24 8.49 0.48 42.23
N PHE A 25 7.95 1.68 42.06
CA PHE A 25 8.76 2.78 41.54
C PHE A 25 9.80 3.26 42.52
N ASN A 26 9.56 3.19 43.81
CA ASN A 26 10.63 3.44 44.76
C ASN A 26 11.50 2.24 45.05
N ASN A 27 11.41 1.20 44.24
CA ASN A 27 12.44 0.17 44.17
C ASN A 27 13.18 0.22 42.84
N ILE A 28 13.12 1.36 42.14
CA ILE A 28 13.92 1.55 40.93
C ILE A 28 14.95 2.66 41.12
N SER A 29 16.22 2.32 41.09
CA SER A 29 17.27 3.30 41.38
C SER A 29 18.08 3.60 40.12
N LEU A 30 18.75 4.74 40.09
CA LEU A 30 19.46 5.20 38.94
C LEU A 30 20.93 4.81 38.94
N VAL A 31 21.46 4.39 37.79
CA VAL A 31 22.88 4.20 37.60
C VAL A 31 23.41 5.28 36.71
N TYR A 32 24.32 6.10 37.22
CA TYR A 32 24.83 7.23 36.42
C TYR A 32 26.05 6.84 35.61
N GLY A 33 25.97 6.99 34.28
CA GLY A 33 27.11 6.68 33.44
C GLY A 33 27.99 7.89 33.20
N GLU A 34 28.68 7.89 32.06
CA GLU A 34 29.66 8.90 31.74
C GLU A 34 28.90 10.18 31.39
N ASN A 35 29.38 11.34 31.81
CA ASN A 35 28.90 12.60 31.25
C ASN A 35 29.05 12.59 29.75
N THR A 36 28.31 13.44 29.04
CA THR A 36 28.23 13.34 27.60
C THR A 36 28.73 14.60 26.89
N GLU A 37 29.09 14.47 25.62
CA GLU A 37 29.35 15.61 24.76
C GLU A 37 28.32 15.60 23.65
N ALA A 38 28.07 16.76 23.03
CA ALA A 38 27.39 16.80 21.75
C ALA A 38 28.20 16.09 20.68
N ILE A 39 27.61 15.82 19.52
CA ILE A 39 28.32 15.13 18.45
C ILE A 39 29.30 16.08 17.76
N GLN A 40 28.85 17.28 17.41
CA GLN A 40 29.69 18.28 16.78
C GLN A 40 29.37 19.65 17.35
N ASP A 41 30.24 20.63 17.13
CA ASP A 41 29.99 22.00 17.58
C ASP A 41 29.80 22.03 19.10
N ARG A 42 30.62 21.27 19.82
CA ARG A 42 30.48 21.14 21.27
C ARG A 42 30.61 22.48 21.96
N GLN A 43 31.73 23.17 21.75
CA GLN A 43 31.89 24.55 22.20
C GLN A 43 30.63 25.40 22.06
N ALA A 44 30.10 25.53 20.85
CA ALA A 44 28.95 26.38 20.61
C ALA A 44 27.68 25.84 21.27
N LEU A 45 27.59 24.53 21.49
CA LEU A 45 26.43 23.94 22.14
C LEU A 45 26.50 24.03 23.66
N LYS A 46 27.68 23.98 24.23
CA LYS A 46 27.83 24.14 25.67
C LYS A 46 27.40 25.53 26.11
N GLU A 47 27.70 26.54 25.30
CA GLU A 47 27.41 27.90 25.68
C GLU A 47 25.94 28.21 25.44
N PHE A 48 25.32 27.50 24.50
CA PHE A 48 23.88 27.59 24.31
C PHE A 48 23.12 26.83 25.39
N PHE A 49 23.52 25.60 25.66
CA PHE A 49 22.81 24.79 26.65
C PHE A 49 23.44 24.87 28.02
N LYS A 50 23.41 26.04 28.64
CA LYS A 50 24.12 26.30 29.88
C LYS A 50 23.74 25.34 31.00
N ASN A 51 22.47 24.98 31.10
CA ASN A 51 21.97 24.24 32.27
C ASN A 51 21.84 22.76 32.02
N THR A 52 21.92 22.32 30.76
CA THR A 52 21.62 20.93 30.42
C THR A 52 22.69 20.28 29.56
N TYR A 53 23.71 21.02 29.12
CA TYR A 53 24.79 20.41 28.35
C TYR A 53 25.56 19.38 29.18
N GLY A 54 25.90 18.24 28.58
CA GLY A 54 26.88 17.35 29.20
C GLY A 54 26.31 16.46 30.29
N LEU A 55 24.98 16.41 30.39
CA LEU A 55 24.34 15.48 31.31
C LEU A 55 24.75 14.04 31.05
N PRO A 56 24.69 13.18 32.07
CA PRO A 56 25.13 11.79 31.92
C PRO A 56 24.05 10.83 31.43
N ILE A 57 24.46 9.73 30.80
CA ILE A 57 23.58 8.59 30.54
C ILE A 57 22.99 8.09 31.85
N ILE A 58 21.71 7.71 31.85
CA ILE A 58 21.05 7.17 33.03
C ILE A 58 20.59 5.75 32.75
N SER A 59 20.89 4.81 33.62
CA SER A 59 20.32 3.46 33.55
C SER A 59 19.49 3.13 34.77
N PHE A 60 18.52 2.23 34.64
CA PHE A 60 17.77 1.74 35.78
C PHE A 60 18.27 0.40 36.31
N THR A 61 18.20 0.20 37.61
CA THR A 61 18.51 -1.08 38.22
C THR A 61 17.74 -1.15 39.53
N GLU A 62 17.50 -2.34 40.07
CA GLU A 62 16.70 -2.47 41.28
C GLU A 62 17.39 -1.96 42.53
N GLY A 63 16.66 -1.26 43.39
CA GLY A 63 17.23 -0.70 44.60
C GLY A 63 16.25 0.29 45.21
N GLU A 64 16.25 0.42 46.53
CA GLU A 64 15.34 1.37 47.17
C GLU A 64 15.78 2.79 46.86
N SER A 65 14.86 3.62 46.39
CA SER A 65 15.18 4.95 45.94
C SER A 65 13.97 5.84 46.13
N SER A 66 14.17 7.06 46.60
CA SER A 66 13.06 7.92 46.99
C SER A 66 12.65 8.82 45.83
N LEU A 67 11.36 9.04 45.63
CA LEU A 67 10.88 9.70 44.43
C LEU A 67 10.79 11.22 44.61
N SER A 68 10.62 11.96 43.53
CA SER A 68 10.60 13.42 43.59
C SER A 68 9.19 13.94 43.74
N PHE A 69 8.20 13.06 43.71
CA PHE A 69 6.84 13.46 44.01
C PHE A 69 6.21 12.55 45.06
N SER A 70 5.32 13.08 45.88
CA SER A 70 4.52 12.27 46.77
C SER A 70 3.06 12.34 46.35
N LYS A 71 2.64 13.44 45.75
CA LYS A 71 1.25 13.65 45.37
C LYS A 71 1.00 13.38 43.90
N ALA A 72 -0.25 13.48 43.47
CA ALA A 72 -0.64 13.11 42.12
C ALA A 72 0.11 13.97 41.10
N LEU A 73 0.48 13.36 39.97
CA LEU A 73 1.13 14.09 38.88
C LEU A 73 0.13 14.72 37.91
N ASN A 74 0.48 15.88 37.36
CA ASN A 74 -0.19 16.41 36.18
C ASN A 74 0.75 16.44 34.99
N ILE A 75 0.51 15.58 34.00
CA ILE A 75 1.41 15.47 32.86
C ILE A 75 0.76 15.93 31.57
N GLY A 76 1.41 16.86 30.85
CA GLY A 76 1.00 17.15 29.49
C GLY A 76 1.77 16.36 28.45
N ILE A 77 1.13 16.03 27.35
CA ILE A 77 1.78 15.22 26.32
C ILE A 77 1.47 15.72 24.92
N ILE A 78 2.43 15.64 24.02
CA ILE A 78 2.27 16.15 22.65
C ILE A 78 2.67 15.06 21.65
N LEU A 79 1.84 14.82 20.64
CA LEU A 79 2.28 14.08 19.46
C LEU A 79 2.71 15.06 18.39
N SER A 80 3.94 14.94 17.90
CA SER A 80 4.55 15.97 17.07
C SER A 80 5.06 15.41 15.75
N GLY A 81 4.91 16.16 14.66
CA GLY A 81 5.41 15.71 13.38
C GLY A 81 4.52 14.66 12.72
N GLY A 82 5.05 13.97 11.71
CA GLY A 82 4.31 12.92 11.05
C GLY A 82 4.09 11.71 11.96
N PRO A 83 2.91 11.07 11.90
CA PRO A 83 2.64 9.91 12.75
C PRO A 83 3.54 8.71 12.48
N ALA A 84 3.76 7.88 13.48
CA ALA A 84 4.42 6.59 13.31
C ALA A 84 3.67 5.58 14.15
N PRO A 85 3.50 4.35 13.63
CA PRO A 85 2.71 3.35 14.36
C PRO A 85 3.24 3.17 15.78
N GLY A 86 2.39 3.39 16.78
CA GLY A 86 2.77 3.11 18.15
C GLY A 86 2.59 4.30 19.07
N GLY A 87 2.42 5.49 18.51
CA GLY A 87 2.27 6.68 19.33
C GLY A 87 1.22 6.53 20.42
N HIS A 88 0.12 5.87 20.10
CA HIS A 88 -0.98 5.70 21.05
C HIS A 88 -0.58 4.79 22.21
N ASN A 89 0.38 3.90 21.99
CA ASN A 89 0.96 3.08 23.06
C ASN A 89 1.96 3.82 23.93
N VAL A 90 2.68 4.80 23.39
CA VAL A 90 3.46 5.70 24.25
C VAL A 90 2.53 6.36 25.23
N ILE A 91 1.38 6.80 24.75
CA ILE A 91 0.39 7.46 25.59
C ILE A 91 -0.24 6.53 26.61
N SER A 92 -0.62 5.32 26.23
CA SER A 92 -1.19 4.37 27.18
C SER A 92 -0.13 3.92 28.20
N GLY A 93 1.13 3.84 27.78
CA GLY A 93 2.19 3.55 28.72
C GLY A 93 2.31 4.63 29.79
N VAL A 94 2.36 5.88 29.34
CA VAL A 94 2.40 7.03 30.24
C VAL A 94 1.22 7.00 31.19
N PHE A 95 0.01 6.91 30.66
CA PHE A 95 -1.20 6.88 31.49
C PHE A 95 -1.10 5.82 32.57
N ASP A 96 -0.83 4.56 32.20
CA ASP A 96 -0.75 3.50 33.19
C ASP A 96 0.31 3.78 34.24
N ALA A 97 1.46 4.31 33.86
CA ALA A 97 2.54 4.50 34.82
C ALA A 97 2.17 5.51 35.89
N ILE A 98 1.61 6.65 35.51
CA ILE A 98 1.25 7.67 36.48
C ILE A 98 0.13 7.19 37.40
N LYS A 99 -0.80 6.41 36.87
CA LYS A 99 -1.87 5.82 37.68
C LYS A 99 -1.33 4.83 38.71
N LYS A 100 -0.31 4.06 38.34
CA LYS A 100 0.33 3.15 39.28
C LYS A 100 1.00 3.99 40.37
N PHE A 101 1.58 5.12 40.00
CA PHE A 101 2.18 6.02 40.98
C PHE A 101 1.14 6.64 41.90
N ASN A 102 0.06 7.17 41.33
CA ASN A 102 -0.99 7.81 42.11
C ASN A 102 -2.25 7.95 41.28
N PRO A 103 -3.31 7.19 41.63
CA PRO A 103 -4.55 7.13 40.85
C PRO A 103 -5.19 8.47 40.58
N ASN A 104 -4.84 9.51 41.33
CA ASN A 104 -5.38 10.84 41.04
C ASN A 104 -4.54 11.60 40.05
N SER A 105 -3.49 10.99 39.53
CA SER A 105 -2.68 11.63 38.50
C SER A 105 -3.51 11.86 37.25
N LYS A 106 -3.20 12.91 36.49
CA LYS A 106 -3.99 13.26 35.33
C LYS A 106 -3.11 13.47 34.11
N LEU A 107 -3.56 13.04 32.94
CA LEU A 107 -2.80 13.22 31.70
C LEU A 107 -3.53 14.14 30.74
N PHE A 108 -2.90 15.23 30.31
CA PHE A 108 -3.50 16.09 29.32
C PHE A 108 -2.84 15.96 27.96
N GLY A 109 -3.62 15.74 26.92
CA GLY A 109 -3.07 15.74 25.58
C GLY A 109 -3.34 17.06 24.88
N PHE A 110 -2.28 17.72 24.43
CA PHE A 110 -2.43 18.92 23.63
C PHE A 110 -2.73 18.56 22.17
N LYS A 111 -3.59 19.34 21.51
CA LYS A 111 -4.06 19.01 20.18
C LYS A 111 -3.16 19.54 19.06
N GLY A 112 -2.95 18.73 18.02
CA GLY A 112 -2.37 19.24 16.79
C GLY A 112 -0.90 19.58 16.89
N GLY A 113 -0.17 18.87 17.75
CA GLY A 113 1.25 19.09 17.86
C GLY A 113 1.61 20.18 18.85
N PRO A 114 2.85 20.70 18.79
CA PRO A 114 3.31 21.75 19.70
C PRO A 114 2.46 23.01 19.63
N LEU A 115 1.75 23.23 18.52
CA LEU A 115 0.88 24.39 18.42
C LEU A 115 -0.19 24.32 19.50
N GLY A 116 -0.75 23.14 19.73
CA GLY A 116 -1.70 22.97 20.82
C GLY A 116 -1.20 23.50 22.15
N LEU A 117 0.08 23.29 22.44
CA LEU A 117 0.69 23.80 23.67
C LEU A 117 0.73 25.32 23.65
N LEU A 118 1.15 25.92 22.53
CA LEU A 118 1.25 27.37 22.45
C LEU A 118 -0.12 28.01 22.59
N GLU A 119 -1.15 27.38 22.06
CA GLU A 119 -2.50 27.93 22.09
C GLU A 119 -3.37 27.35 23.19
N ASN A 120 -2.80 26.49 24.04
CA ASN A 120 -3.53 25.88 25.16
C ASN A 120 -4.76 25.13 24.69
N ASP A 121 -4.63 24.32 23.64
CA ASP A 121 -5.75 23.57 23.10
C ASP A 121 -5.58 22.09 23.42
N LYS A 122 -6.28 21.59 24.44
CA LYS A 122 -5.96 20.30 25.02
C LYS A 122 -7.22 19.48 25.24
N ILE A 123 -7.08 18.24 25.67
CA ILE A 123 -8.16 17.46 26.25
C ILE A 123 -7.61 16.56 27.34
N GLU A 124 -8.39 16.25 28.37
CA GLU A 124 -7.94 15.28 29.35
C GLU A 124 -7.97 13.88 28.78
N LEU A 125 -6.87 13.15 28.91
CA LEU A 125 -6.83 11.78 28.42
C LEU A 125 -7.25 10.83 29.52
N THR A 126 -8.49 10.35 29.45
CA THR A 126 -9.09 9.61 30.54
C THR A 126 -9.03 8.13 30.26
N GLU A 127 -9.37 7.29 31.23
CA GLU A 127 -9.15 5.87 31.13
C GLU A 127 -9.92 5.25 29.97
N SER A 128 -11.16 5.65 29.73
CA SER A 128 -11.95 5.05 28.68
C SER A 128 -11.47 5.54 27.32
N LEU A 129 -11.17 6.83 27.21
CA LEU A 129 -10.63 7.36 25.96
C LEU A 129 -9.39 6.58 25.60
N ILE A 130 -8.43 6.49 26.52
CA ILE A 130 -7.17 5.81 26.27
C ILE A 130 -7.36 4.34 25.98
N ASN A 131 -8.30 3.67 26.64
CA ASN A 131 -8.69 2.31 26.26
C ASN A 131 -8.95 2.16 24.79
N SER A 132 -9.75 3.04 24.20
CA SER A 132 -10.20 2.85 22.82
C SER A 132 -9.07 3.03 21.81
N TYR A 133 -7.95 3.61 22.23
CA TYR A 133 -6.80 3.73 21.35
C TYR A 133 -5.69 2.71 21.56
N ARG A 134 -5.80 1.85 22.56
CA ARG A 134 -4.72 0.91 22.87
C ARG A 134 -4.33 0.03 21.70
N ASN A 135 -3.08 0.11 21.25
CA ASN A 135 -2.55 -0.77 20.22
C ASN A 135 -3.03 -0.39 18.82
N THR A 136 -3.62 0.78 18.66
CA THR A 136 -4.09 1.26 17.37
C THR A 136 -3.02 2.10 16.68
N GLY A 137 -3.10 2.25 15.37
CA GLY A 137 -2.23 3.19 14.67
C GLY A 137 -2.74 4.62 14.76
N GLY A 138 -1.96 5.57 14.22
CA GLY A 138 -2.40 6.94 14.16
C GLY A 138 -1.85 7.80 15.27
N PHE A 139 -1.89 9.12 15.08
CA PHE A 139 -1.77 10.09 16.17
C PHE A 139 -3.11 10.72 16.52
N ASP A 140 -4.20 10.09 16.12
CA ASP A 140 -5.47 10.80 15.98
C ASP A 140 -6.19 10.96 17.31
N ILE A 141 -5.64 10.44 18.41
CA ILE A 141 -6.23 10.73 19.71
C ILE A 141 -6.18 12.22 20.02
N VAL A 142 -5.13 12.93 19.60
CA VAL A 142 -5.06 14.38 19.78
C VAL A 142 -4.57 15.07 18.51
N SER A 143 -4.13 14.30 17.52
CA SER A 143 -3.54 14.86 16.30
C SER A 143 -2.19 15.52 16.51
N SER A 144 -1.44 15.74 15.44
CA SER A 144 -0.08 16.23 15.54
C SER A 144 0.12 17.39 14.59
N GLY A 145 1.35 17.92 14.53
CA GLY A 145 1.64 19.07 13.70
C GLY A 145 3.13 19.35 13.77
N ARG A 146 3.59 20.32 13.00
CA ARG A 146 5.04 20.53 12.86
C ARG A 146 5.50 21.90 13.35
N THR A 147 4.68 22.59 14.13
CA THR A 147 5.07 23.88 14.71
C THR A 147 6.42 23.81 15.42
N LYS A 148 7.33 24.74 15.11
CA LYS A 148 8.62 24.82 15.78
C LYS A 148 8.59 25.82 16.92
N ILE A 149 9.23 25.49 18.04
CA ILE A 149 9.34 26.40 19.17
C ILE A 149 10.78 26.92 19.28
N GLU A 150 11.03 28.16 18.85
CA GLU A 150 12.40 28.64 18.71
C GLU A 150 12.61 30.06 19.24
N THR A 151 11.54 30.79 19.54
CA THR A 151 11.66 32.17 20.01
C THR A 151 11.23 32.35 21.46
N GLU A 152 11.73 33.38 22.13
CA GLU A 152 11.25 33.74 23.46
C GLU A 152 9.72 33.83 23.53
N GLU A 153 9.07 34.24 22.46
CA GLU A 153 7.62 34.34 22.44
C GLU A 153 7.02 32.95 22.62
N HIS A 154 7.42 32.01 21.76
CA HIS A 154 7.04 30.60 21.91
C HIS A 154 7.28 30.09 23.32
N TYR A 155 8.44 30.39 23.89
CA TYR A 155 8.84 29.79 25.15
C TYR A 155 7.99 30.31 26.30
N ASN A 156 7.65 31.60 26.30
CA ASN A 156 6.78 32.17 27.32
C ASN A 156 5.39 31.56 27.27
N LYS A 157 4.81 31.46 26.08
CA LYS A 157 3.49 30.86 25.92
C LYS A 157 3.48 29.43 26.42
N ALA A 158 4.53 28.67 26.12
CA ALA A 158 4.66 27.31 26.65
C ALA A 158 4.72 27.31 28.16
N LEU A 159 5.59 28.14 28.74
CA LEU A 159 5.67 28.28 30.18
C LEU A 159 4.29 28.62 30.72
N PHE A 160 3.69 29.67 30.20
CA PHE A 160 2.40 30.11 30.70
C PHE A 160 1.40 28.94 30.63
N VAL A 161 1.28 28.31 29.47
CA VAL A 161 0.28 27.26 29.27
C VAL A 161 0.56 26.04 30.12
N ALA A 162 1.83 25.74 30.37
CA ALA A 162 2.17 24.68 31.31
C ALA A 162 1.75 25.05 32.72
N LYS A 163 2.03 26.28 33.16
CA LYS A 163 1.61 26.73 34.47
C LYS A 163 0.11 26.81 34.67
N GLU A 164 -0.64 27.29 33.67
CA GLU A 164 -2.09 27.36 33.77
C GLU A 164 -2.71 25.98 33.96
N ASN A 165 -2.07 24.94 33.44
CA ASN A 165 -2.58 23.58 33.55
C ASN A 165 -1.96 22.82 34.71
N ASN A 166 -1.14 23.49 35.52
CA ASN A 166 -0.55 22.88 36.70
C ASN A 166 0.26 21.64 36.32
N LEU A 167 1.06 21.73 35.27
CA LEU A 167 1.79 20.57 34.77
C LEU A 167 3.11 20.39 35.51
N ASN A 168 3.44 19.17 35.91
CA ASN A 168 4.75 18.87 36.46
C ASN A 168 5.75 18.59 35.36
N ALA A 169 5.28 18.12 34.20
CA ALA A 169 6.18 17.67 33.15
C ALA A 169 5.48 17.66 31.81
N ILE A 170 6.24 17.83 30.73
CA ILE A 170 5.73 17.71 29.38
C ILE A 170 6.49 16.64 28.63
N ILE A 171 5.80 15.65 28.08
CA ILE A 171 6.42 14.61 27.28
C ILE A 171 6.19 14.89 25.80
N ILE A 172 7.27 14.99 25.03
CA ILE A 172 7.16 15.28 23.61
C ILE A 172 7.55 14.07 22.78
N ILE A 173 6.65 13.60 21.93
CA ILE A 173 6.89 12.43 21.12
C ILE A 173 7.11 12.86 19.68
N GLY A 174 8.30 12.66 19.13
CA GLY A 174 8.60 13.19 17.81
C GLY A 174 9.96 12.77 17.30
N GLY A 175 10.33 13.28 16.13
CA GLY A 175 11.64 12.97 15.57
C GLY A 175 12.70 13.99 15.95
N ASP A 176 13.69 14.15 15.08
CA ASP A 176 14.78 15.07 15.31
C ASP A 176 14.27 16.49 15.50
N ASP A 177 13.30 16.91 14.70
CA ASP A 177 12.69 18.24 14.87
C ASP A 177 11.95 18.41 16.19
N SER A 178 11.01 17.52 16.51
CA SER A 178 10.25 17.62 17.75
C SER A 178 11.13 17.62 18.99
N ASN A 179 12.15 16.76 19.02
CA ASN A 179 13.04 16.65 20.17
C ASN A 179 14.09 17.75 20.23
N THR A 180 14.30 18.47 19.13
CA THR A 180 14.98 19.76 19.20
C THR A 180 14.14 20.77 19.98
N ASN A 181 12.85 20.88 19.66
CA ASN A 181 11.91 21.58 20.54
C ASN A 181 12.13 21.14 21.97
N ALA A 182 12.12 19.83 22.22
CA ALA A 182 12.13 19.31 23.58
C ALA A 182 13.37 19.77 24.31
N ALA A 183 14.54 19.60 23.72
CA ALA A 183 15.81 19.94 24.37
C ALA A 183 15.87 21.43 24.65
N ILE A 184 15.50 22.25 23.67
CA ILE A 184 15.54 23.68 23.84
C ILE A 184 14.57 24.12 24.92
N LEU A 185 13.37 23.54 24.94
CA LEU A 185 12.34 23.89 25.90
C LEU A 185 12.78 23.52 27.31
N ALA A 186 13.39 22.36 27.49
CA ALA A 186 13.89 21.95 28.80
C ALA A 186 14.92 22.95 29.31
N GLU A 187 15.82 23.39 28.44
CA GLU A 187 16.83 24.38 28.79
C GLU A 187 16.18 25.67 29.28
N TYR A 188 15.20 26.19 28.53
CA TYR A 188 14.51 27.42 28.90
C TYR A 188 13.88 27.30 30.27
N PHE A 189 13.20 26.19 30.55
CA PHE A 189 12.61 25.97 31.88
C PHE A 189 13.67 25.97 32.97
N LYS A 190 14.74 25.20 32.81
CA LYS A 190 15.73 25.04 33.87
C LYS A 190 16.47 26.37 34.04
N LYS A 191 16.61 27.12 32.96
CA LYS A 191 17.25 28.42 32.95
C LYS A 191 16.48 29.40 33.83
N ASN A 192 15.16 29.36 33.75
CA ASN A 192 14.30 30.29 34.49
C ASN A 192 13.81 29.67 35.78
N GLY A 193 14.52 28.67 36.29
CA GLY A 193 14.18 28.08 37.57
C GLY A 193 12.76 27.52 37.64
N GLU A 194 12.21 27.17 36.48
CA GLU A 194 10.88 26.55 36.45
C GLU A 194 10.97 25.06 36.78
N ASN A 195 10.07 24.57 37.62
CA ASN A 195 10.04 23.16 37.99
C ASN A 195 9.19 22.34 37.03
N ILE A 196 9.27 22.64 35.75
CA ILE A 196 8.54 21.89 34.74
C ILE A 196 9.47 20.99 33.95
N GLN A 197 9.25 19.69 34.03
CA GLN A 197 10.14 18.72 33.39
C GLN A 197 9.78 18.47 31.95
N VAL A 198 10.78 18.20 31.10
CA VAL A 198 10.54 17.90 29.70
C VAL A 198 11.23 16.59 29.32
N ILE A 199 10.47 15.58 28.91
CA ILE A 199 11.03 14.31 28.47
C ILE A 199 10.68 14.09 27.01
N GLY A 200 11.61 13.59 26.21
CA GLY A 200 11.31 13.28 24.83
C GLY A 200 11.21 11.79 24.58
N VAL A 201 10.52 11.41 23.52
CA VAL A 201 10.40 10.01 23.10
C VAL A 201 10.80 9.87 21.63
N PRO A 202 11.59 8.85 21.30
CA PRO A 202 12.15 8.71 19.94
C PRO A 202 11.17 8.15 18.91
N LYS A 203 10.43 9.02 18.22
CA LYS A 203 9.46 8.61 17.19
C LYS A 203 9.96 8.95 15.80
N THR A 204 9.96 7.99 14.88
CA THR A 204 9.98 8.27 13.45
C THR A 204 10.12 6.98 12.64
N ILE A 205 9.39 6.84 11.54
CA ILE A 205 9.58 5.73 10.60
C ILE A 205 10.92 5.83 9.88
N ASP A 206 11.50 7.03 9.80
CA ASP A 206 12.74 7.23 9.04
C ASP A 206 13.91 6.55 9.72
N ALA A 207 13.79 6.26 11.02
CA ALA A 207 14.89 5.73 11.82
C ALA A 207 16.13 6.60 11.77
N ASP A 208 15.96 7.91 11.60
CA ASP A 208 17.10 8.81 11.53
C ASP A 208 17.33 9.49 12.86
N LEU A 209 16.69 8.99 13.90
CA LEU A 209 16.87 9.52 15.23
C LEU A 209 17.43 8.44 16.12
N ARG A 210 18.74 8.33 16.21
CA ARG A 210 19.38 7.23 16.94
C ARG A 210 20.90 7.32 16.99
N ASN A 211 21.51 6.60 17.93
CA ASN A 211 22.93 6.71 18.21
C ASN A 211 23.34 5.42 18.93
N ASP A 212 24.48 5.37 19.61
CA ASP A 212 24.89 4.12 20.21
C ASP A 212 23.97 3.65 21.32
N HIS A 213 23.16 4.56 21.88
CA HIS A 213 22.30 4.23 23.00
C HIS A 213 20.86 4.06 22.56
N ILE A 214 20.41 4.86 21.61
CA ILE A 214 19.09 4.72 21.04
C ILE A 214 19.14 3.84 19.80
N GLU A 215 18.75 2.58 19.93
CA GLU A 215 19.04 1.57 18.94
C GLU A 215 18.14 1.70 17.72
N ILE A 216 16.95 2.26 17.90
CA ILE A 216 16.03 2.49 16.80
C ILE A 216 14.94 3.41 17.29
N SER A 217 14.32 4.16 16.38
CA SER A 217 13.16 4.98 16.72
C SER A 217 11.90 4.16 16.50
N PHE A 218 10.79 4.50 17.15
CA PHE A 218 9.61 3.65 17.02
C PHE A 218 8.82 3.92 15.75
N GLY A 219 8.18 2.89 15.21
CA GLY A 219 7.39 3.05 14.00
C GLY A 219 8.10 2.49 12.78
N PHE A 220 9.43 2.65 12.76
CA PHE A 220 10.27 2.11 11.71
C PHE A 220 9.97 0.63 11.46
N ASP A 221 9.92 -0.17 12.52
CA ASP A 221 9.61 -1.59 12.41
C ASP A 221 8.30 -1.83 11.67
N SER A 222 7.22 -1.22 12.14
CA SER A 222 5.91 -1.39 11.52
C SER A 222 5.90 -0.91 10.07
N ALA A 223 6.45 0.27 9.80
CA ALA A 223 6.32 0.88 8.48
C ALA A 223 7.10 0.09 7.44
N THR A 224 8.32 -0.33 7.76
CA THR A 224 9.09 -1.12 6.81
C THR A 224 8.47 -2.48 6.56
N LYS A 225 7.81 -3.07 7.55
CA LYS A 225 7.12 -4.33 7.33
C LYS A 225 6.00 -4.17 6.30
N ILE A 226 5.18 -3.13 6.42
CA ILE A 226 4.12 -2.87 5.47
C ILE A 226 4.66 -2.58 4.08
N TYR A 227 5.62 -1.66 3.97
CA TYR A 227 6.28 -1.36 2.71
C TYR A 227 6.86 -2.62 2.08
N SER A 228 7.57 -3.43 2.87
CA SER A 228 8.24 -4.61 2.34
C SER A 228 7.27 -5.64 1.77
N GLU A 229 6.12 -5.84 2.41
CA GLU A 229 5.13 -6.75 1.87
C GLU A 229 4.64 -6.26 0.51
N LEU A 230 4.27 -4.99 0.41
CA LEU A 230 3.82 -4.43 -0.87
C LEU A 230 4.89 -4.57 -1.93
N ILE A 231 6.13 -4.25 -1.60
CA ILE A 231 7.25 -4.39 -2.52
C ILE A 231 7.46 -5.85 -2.86
N GLY A 232 7.34 -6.73 -1.87
CA GLY A 232 7.32 -8.16 -2.13
C GLY A 232 6.25 -8.53 -3.13
N ASN A 233 5.04 -8.00 -2.95
CA ASN A 233 3.94 -8.34 -3.84
C ASN A 233 4.20 -7.84 -5.25
N LEU A 234 4.81 -6.67 -5.40
CA LEU A 234 5.18 -6.16 -6.72
C LEU A 234 6.24 -7.04 -7.36
N CYS A 235 7.25 -7.46 -6.60
CA CYS A 235 8.23 -8.40 -7.14
C CYS A 235 7.53 -9.65 -7.65
N ARG A 236 6.61 -10.22 -6.86
CA ARG A 236 6.01 -11.47 -7.25
C ARG A 236 5.05 -11.30 -8.41
N ASP A 237 4.46 -10.12 -8.56
CA ASP A 237 3.63 -9.83 -9.72
C ASP A 237 4.50 -9.62 -10.95
N ALA A 238 5.67 -9.01 -10.79
CA ALA A 238 6.64 -8.89 -11.88
C ALA A 238 7.12 -10.25 -12.39
N MET A 239 7.55 -11.12 -11.49
CA MET A 239 7.79 -12.54 -11.83
C MET A 239 6.61 -13.21 -12.53
N SER A 240 5.39 -12.94 -12.10
CA SER A 240 4.23 -13.62 -12.66
C SER A 240 3.99 -13.27 -14.12
N THR A 241 4.07 -11.99 -14.47
CA THR A 241 3.75 -11.53 -15.83
C THR A 241 4.98 -11.32 -16.72
N LYS A 242 6.17 -11.20 -16.13
CA LYS A 242 7.41 -11.03 -16.90
C LYS A 242 7.38 -9.80 -17.80
N LYS A 243 6.76 -8.69 -17.40
CA LYS A 243 6.63 -7.56 -18.31
C LYS A 243 6.82 -6.18 -17.71
N TYR A 244 6.74 -6.04 -16.39
CA TYR A 244 6.75 -4.72 -15.77
C TYR A 244 8.06 -4.35 -15.10
N TRP A 245 8.51 -3.11 -15.27
CA TRP A 245 9.47 -2.52 -14.35
C TRP A 245 8.83 -1.61 -13.33
N HIS A 246 8.82 -2.03 -12.07
CA HIS A 246 8.22 -1.24 -11.01
C HIS A 246 9.23 -0.30 -10.35
N PHE A 247 8.92 0.98 -10.29
CA PHE A 247 9.76 1.95 -9.58
C PHE A 247 9.08 2.44 -8.32
N VAL A 248 9.60 2.07 -7.16
CA VAL A 248 8.94 2.34 -5.89
C VAL A 248 9.67 3.43 -5.11
N LYS A 249 9.02 4.57 -4.91
CA LYS A 249 9.56 5.57 -4.02
C LYS A 249 9.07 5.32 -2.60
N LEU A 250 9.96 5.39 -1.62
CA LEU A 250 9.59 5.20 -0.22
C LEU A 250 9.77 6.49 0.58
N MET A 251 8.92 6.75 1.55
CA MET A 251 9.15 7.85 2.49
C MET A 251 10.49 7.70 3.19
N GLY A 252 11.01 8.79 3.75
CA GLY A 252 12.42 8.86 4.09
C GLY A 252 13.09 10.08 3.49
N ARG A 253 12.84 11.24 4.10
CA ARG A 253 13.27 12.50 3.52
C ARG A 253 14.79 12.58 3.46
N SER A 254 15.49 12.21 4.53
CA SER A 254 16.87 12.65 4.73
C SER A 254 17.81 11.48 4.86
N ALA A 255 17.31 10.26 4.70
CA ALA A 255 18.11 9.07 4.98
C ALA A 255 17.47 7.82 4.38
N SER A 256 18.26 6.78 4.18
CA SER A 256 17.84 5.63 3.38
C SER A 256 17.59 4.39 4.24
N HIS A 257 17.39 4.55 5.53
CA HIS A 257 17.12 3.43 6.41
C HIS A 257 15.93 2.64 5.89
N VAL A 258 14.87 3.32 5.49
CA VAL A 258 13.65 2.66 5.05
C VAL A 258 13.87 1.88 3.77
N ALA A 259 14.44 2.53 2.75
CA ALA A 259 14.78 1.84 1.52
C ALA A 259 15.68 0.64 1.77
N LEU A 260 16.72 0.82 2.59
CA LEU A 260 17.68 -0.25 2.83
C LEU A 260 17.02 -1.44 3.53
N GLU A 261 16.24 -1.20 4.56
CA GLU A 261 15.52 -2.29 5.23
C GLU A 261 14.65 -3.03 4.22
N CYS A 262 13.89 -2.31 3.41
CA CYS A 262 13.03 -2.95 2.42
C CYS A 262 13.82 -3.73 1.38
N ALA A 263 14.98 -3.24 0.98
CA ALA A 263 15.86 -3.99 0.10
C ALA A 263 16.27 -5.30 0.74
N LEU A 264 16.76 -5.27 1.98
CA LEU A 264 17.20 -6.48 2.67
C LEU A 264 16.04 -7.46 2.87
N LYS A 265 14.80 -6.98 2.83
CA LYS A 265 13.63 -7.81 3.02
C LYS A 265 13.15 -8.46 1.73
N THR A 266 13.36 -7.80 0.59
CA THR A 266 12.69 -8.19 -0.65
C THR A 266 13.69 -8.62 -1.71
N HIS A 267 14.92 -8.12 -1.65
CA HIS A 267 15.91 -8.39 -2.68
C HIS A 267 15.46 -7.85 -4.04
N PRO A 268 15.15 -6.55 -4.12
CA PRO A 268 14.78 -5.96 -5.41
C PRO A 268 15.97 -5.96 -6.35
N ASN A 269 15.77 -5.70 -7.63
CA ASN A 269 16.85 -5.75 -8.60
C ASN A 269 17.72 -4.51 -8.47
N ILE A 270 17.11 -3.38 -8.09
CA ILE A 270 17.84 -2.15 -7.83
C ILE A 270 17.33 -1.47 -6.55
N CYS A 271 18.24 -1.10 -5.64
CA CYS A 271 17.93 -0.12 -4.60
C CYS A 271 18.96 0.99 -4.54
N ILE A 272 18.54 2.24 -4.65
CA ILE A 272 19.47 3.36 -4.56
C ILE A 272 19.64 3.80 -3.12
N VAL A 273 20.89 3.93 -2.67
CA VAL A 273 21.17 4.43 -1.33
C VAL A 273 21.74 5.84 -1.39
N SER A 274 20.94 6.83 -1.02
CA SER A 274 21.32 8.23 -1.14
C SER A 274 22.70 8.50 -0.57
N GLU A 275 22.96 8.00 0.62
CA GLU A 275 24.25 8.20 1.27
C GLU A 275 25.41 7.78 0.38
N GLU A 276 25.28 6.65 -0.32
CA GLU A 276 26.33 6.18 -1.21
C GLU A 276 26.44 7.11 -2.40
N VAL A 277 25.30 7.51 -2.97
CA VAL A 277 25.27 8.50 -4.02
C VAL A 277 26.10 9.73 -3.65
N LEU A 278 25.89 10.27 -2.45
CA LEU A 278 26.60 11.46 -2.02
C LEU A 278 28.09 11.19 -1.87
N ALA A 279 28.44 10.10 -1.19
CA ALA A 279 29.82 9.77 -0.94
C ALA A 279 30.63 9.68 -2.24
N LYS A 280 30.01 9.18 -3.30
CA LYS A 280 30.70 9.03 -4.58
C LYS A 280 30.42 10.22 -5.48
N LYS A 281 30.03 11.34 -4.89
CA LYS A 281 29.52 12.51 -5.62
C LYS A 281 28.91 12.20 -6.98
N LYS A 282 28.05 11.19 -7.05
CA LYS A 282 27.38 10.84 -8.29
C LYS A 282 26.52 11.96 -8.86
N THR A 283 26.32 11.96 -10.17
CA THR A 283 25.40 12.88 -10.80
C THR A 283 24.10 12.16 -11.10
N LEU A 284 23.05 12.91 -11.41
CA LEU A 284 21.80 12.32 -11.82
C LEU A 284 22.00 11.33 -12.95
N SER A 285 22.62 11.74 -14.06
CA SER A 285 22.73 10.88 -15.24
C SER A 285 23.57 9.64 -14.97
N GLU A 286 24.59 9.74 -14.12
CA GLU A 286 25.33 8.55 -13.70
C GLU A 286 24.42 7.52 -13.04
N ILE A 287 23.50 7.96 -12.18
CA ILE A 287 22.54 7.04 -11.55
C ILE A 287 21.66 6.39 -12.60
N ILE A 288 21.18 7.16 -13.56
CA ILE A 288 20.41 6.65 -14.69
C ILE A 288 21.19 5.59 -15.44
N ASP A 289 22.46 5.84 -15.73
CA ASP A 289 23.26 4.88 -16.46
C ASP A 289 23.33 3.56 -15.72
N GLU A 290 23.41 3.61 -14.40
CA GLU A 290 23.62 2.40 -13.61
C GLU A 290 22.34 1.57 -13.56
N MET A 291 21.18 2.23 -13.67
CA MET A 291 19.91 1.52 -13.72
C MET A 291 19.61 1.00 -15.11
N VAL A 292 19.75 1.83 -16.14
CA VAL A 292 19.68 1.38 -17.52
C VAL A 292 20.56 0.16 -17.75
N SER A 293 21.79 0.20 -17.26
CA SER A 293 22.71 -0.92 -17.38
C SER A 293 22.09 -2.21 -16.86
N VAL A 294 21.54 -2.19 -15.65
CA VAL A 294 20.88 -3.36 -15.08
C VAL A 294 19.72 -3.80 -15.94
N ILE A 295 18.88 -2.85 -16.35
CA ILE A 295 17.76 -3.13 -17.21
C ILE A 295 18.19 -3.82 -18.50
N LEU A 296 19.33 -3.42 -19.07
CA LEU A 296 19.81 -4.01 -20.32
C LEU A 296 20.26 -5.45 -20.14
N LYS A 297 21.12 -5.71 -19.16
CA LYS A 297 21.62 -7.07 -18.96
C LYS A 297 20.48 -8.03 -18.66
N ARG A 298 19.45 -7.58 -17.95
CA ARG A 298 18.30 -8.41 -17.66
C ARG A 298 17.49 -8.71 -18.93
N SER A 299 17.31 -7.71 -19.78
CA SER A 299 16.64 -7.92 -21.07
C SER A 299 17.40 -8.93 -21.90
N LEU A 300 18.73 -8.91 -21.83
CA LEU A 300 19.55 -9.90 -22.52
C LEU A 300 19.42 -11.30 -21.95
N ASN A 301 19.09 -11.44 -20.67
CA ASN A 301 18.75 -12.75 -20.13
C ASN A 301 17.30 -13.11 -20.38
N GLY A 302 16.58 -12.30 -21.16
CA GLY A 302 15.19 -12.59 -21.42
C GLY A 302 14.24 -12.02 -20.38
N ASP A 303 14.79 -11.46 -19.30
CA ASP A 303 13.98 -10.84 -18.28
C ASP A 303 13.65 -9.38 -18.57
N ASN A 304 12.50 -9.12 -19.16
CA ASN A 304 12.06 -7.75 -19.38
C ASN A 304 11.17 -7.27 -18.25
N PHE A 305 11.69 -7.27 -17.03
CA PHE A 305 10.94 -6.81 -15.87
C PHE A 305 11.88 -6.62 -14.67
N GLY A 306 11.45 -5.86 -13.67
CA GLY A 306 12.24 -5.73 -12.47
C GLY A 306 11.58 -4.82 -11.46
N VAL A 307 12.20 -4.68 -10.29
CA VAL A 307 11.71 -3.79 -9.25
C VAL A 307 12.80 -2.85 -8.75
N VAL A 308 12.49 -1.56 -8.66
CA VAL A 308 13.47 -0.56 -8.26
C VAL A 308 12.99 0.20 -7.04
N ILE A 309 13.82 0.34 -6.01
CA ILE A 309 13.49 1.15 -4.85
C ILE A 309 14.28 2.45 -4.89
N VAL A 310 13.65 3.57 -4.55
CA VAL A 310 14.37 4.84 -4.52
C VAL A 310 13.89 5.68 -3.35
N PRO A 311 14.80 6.03 -2.43
CA PRO A 311 14.43 6.89 -1.32
C PRO A 311 13.94 8.26 -1.77
N GLU A 312 12.88 8.76 -1.16
CA GLU A 312 12.20 9.95 -1.64
C GLU A 312 13.08 11.19 -1.44
N GLY A 313 14.12 11.09 -0.61
CA GLY A 313 15.01 12.20 -0.41
C GLY A 313 16.27 12.13 -1.24
N LEU A 314 16.31 11.21 -2.20
CA LEU A 314 17.49 11.04 -3.04
C LEU A 314 17.94 12.35 -3.67
N ILE A 315 17.00 13.22 -4.02
CA ILE A 315 17.32 14.47 -4.71
C ILE A 315 18.13 15.44 -3.85
N GLU A 316 18.12 15.28 -2.53
CA GLU A 316 18.98 16.09 -1.68
C GLU A 316 20.38 15.51 -1.53
N PHE A 317 20.63 14.33 -2.05
CA PHE A 317 21.94 13.71 -1.95
C PHE A 317 22.69 13.69 -3.27
N ILE A 318 22.02 14.04 -4.37
CA ILE A 318 22.70 14.32 -5.63
C ILE A 318 23.19 15.76 -5.61
N PRO A 319 24.51 15.96 -5.45
CA PRO A 319 25.05 17.31 -5.22
C PRO A 319 24.58 18.36 -6.22
N GLU A 320 24.47 18.01 -7.50
CA GLU A 320 24.01 18.95 -8.51
C GLU A 320 22.55 19.35 -8.29
N VAL A 321 21.71 18.40 -7.89
CA VAL A 321 20.29 18.68 -7.67
C VAL A 321 20.11 19.40 -6.34
N LYS A 322 20.88 19.02 -5.33
CA LYS A 322 20.96 19.73 -4.07
C LYS A 322 21.33 21.20 -4.26
N SER A 323 22.40 21.48 -4.99
CA SER A 323 22.74 22.83 -5.39
C SER A 323 21.57 23.54 -6.06
N LEU A 324 20.97 22.93 -7.07
CA LEU A 324 19.85 23.54 -7.78
C LEU A 324 18.76 23.98 -6.80
N MET A 325 18.36 23.10 -5.88
CA MET A 325 17.29 23.41 -4.94
C MET A 325 17.67 24.52 -3.98
N LEU A 326 18.87 24.47 -3.39
CA LEU A 326 19.34 25.56 -2.54
C LEU A 326 19.38 26.90 -3.25
N GLU A 327 19.63 26.92 -4.56
CA GLU A 327 19.62 28.17 -5.30
C GLU A 327 18.22 28.68 -5.55
N LEU A 328 17.32 27.82 -6.01
CA LEU A 328 15.90 28.14 -6.08
C LEU A 328 15.38 28.66 -4.75
N CYS A 329 15.79 28.04 -3.64
CA CYS A 329 15.56 28.61 -2.31
C CYS A 329 15.97 30.06 -2.19
N ASP A 330 17.27 30.33 -2.32
CA ASP A 330 17.78 31.70 -2.22
C ASP A 330 17.11 32.63 -3.21
N ILE A 331 16.92 32.19 -4.45
CA ILE A 331 16.22 33.01 -5.43
C ILE A 331 14.83 33.38 -4.94
N PHE A 332 14.20 32.50 -4.16
CA PHE A 332 12.87 32.80 -3.63
C PHE A 332 12.90 33.60 -2.34
N ASP A 333 13.86 33.32 -1.45
CA ASP A 333 13.91 34.04 -0.18
C ASP A 333 13.88 35.54 -0.36
N LYS A 334 14.62 36.07 -1.32
CA LYS A 334 14.81 37.51 -1.46
C LYS A 334 13.75 38.14 -2.37
N ASN A 335 13.51 37.56 -3.54
CA ASN A 335 12.46 38.02 -4.44
C ASN A 335 11.05 37.73 -3.91
N GLU A 336 10.93 37.53 -2.59
CA GLU A 336 9.63 37.24 -1.99
C GLU A 336 8.52 38.07 -2.61
N GLY A 337 8.83 39.28 -3.06
CA GLY A 337 7.81 40.19 -3.56
C GLY A 337 7.26 39.84 -4.93
N GLU A 338 8.12 39.77 -5.94
CA GLU A 338 7.67 39.39 -7.29
C GLU A 338 6.79 38.16 -7.24
N PHE A 339 7.17 37.16 -6.46
CA PHE A 339 6.47 35.88 -6.49
C PHE A 339 5.03 36.04 -6.02
N LYS A 340 4.82 36.65 -4.85
CA LYS A 340 3.50 37.08 -4.38
C LYS A 340 2.31 36.34 -5.00
N GLY A 341 1.77 36.88 -6.10
CA GLY A 341 0.52 36.38 -6.63
C GLY A 341 0.71 35.98 -8.08
N LEU A 342 1.78 35.25 -8.35
CA LEU A 342 1.98 34.66 -9.65
C LEU A 342 1.76 33.16 -9.61
N ASN A 343 1.67 32.53 -10.77
CA ASN A 343 1.28 31.13 -10.85
C ASN A 343 2.53 30.28 -10.97
N ILE A 344 2.39 28.97 -10.95
CA ILE A 344 3.48 28.07 -11.35
C ILE A 344 4.15 28.57 -12.63
N GLU A 345 3.36 28.77 -13.69
CA GLU A 345 3.88 28.99 -15.05
C GLU A 345 4.81 30.18 -15.08
N LYS A 346 4.58 31.16 -14.21
CA LYS A 346 5.19 32.47 -14.33
C LYS A 346 6.06 32.73 -13.10
N MET A 347 5.68 32.19 -11.96
CA MET A 347 6.56 32.09 -10.80
C MET A 347 7.95 31.65 -11.23
N LYS A 348 8.02 30.99 -12.38
CA LYS A 348 9.11 30.10 -12.75
C LYS A 348 9.95 30.78 -13.82
N GLU A 349 9.32 31.39 -14.82
CA GLU A 349 9.99 32.31 -15.73
C GLU A 349 10.98 33.20 -14.97
N ILE A 350 10.55 33.77 -13.85
CA ILE A 350 11.45 34.52 -12.98
C ILE A 350 12.60 33.66 -12.48
N PHE A 351 12.31 32.50 -11.88
CA PHE A 351 13.34 31.54 -11.51
C PHE A 351 14.33 31.26 -12.63
N VAL A 352 13.87 30.64 -13.73
CA VAL A 352 14.71 30.43 -14.89
C VAL A 352 15.53 31.66 -15.22
N ALA A 353 14.96 32.84 -14.98
CA ALA A 353 15.64 34.09 -15.28
C ALA A 353 16.69 34.44 -14.24
N LYS A 354 16.45 34.10 -12.98
CA LYS A 354 17.34 34.51 -11.89
C LYS A 354 18.42 33.47 -11.62
N LEU A 355 18.38 32.35 -12.35
CA LEU A 355 19.39 31.30 -12.21
C LEU A 355 20.63 31.56 -13.03
N SER A 356 21.80 31.21 -12.50
CA SER A 356 23.03 31.17 -13.29
C SER A 356 22.87 30.32 -14.55
N ASP A 357 23.66 30.59 -15.58
CA ASP A 357 23.63 29.78 -16.80
C ASP A 357 23.94 28.33 -16.48
N TYR A 358 24.84 28.08 -15.53
CA TYR A 358 25.16 26.72 -15.10
C TYR A 358 23.97 26.00 -14.47
N MET A 359 23.36 26.57 -13.44
CA MET A 359 22.17 25.97 -12.83
C MET A 359 20.98 25.94 -13.76
N LYS A 360 20.74 27.01 -14.51
CA LYS A 360 19.64 27.02 -15.45
C LYS A 360 19.81 25.91 -16.46
N GLY A 361 21.05 25.56 -16.77
CA GLY A 361 21.29 24.44 -17.66
C GLY A 361 20.95 23.10 -17.03
N VAL A 362 21.30 22.95 -15.75
CA VAL A 362 20.86 21.80 -14.98
C VAL A 362 19.34 21.77 -14.90
N TYR A 363 18.72 22.91 -14.63
CA TYR A 363 17.29 22.98 -14.37
C TYR A 363 16.51 22.63 -15.64
N LEU A 364 16.77 23.31 -16.75
CA LEU A 364 16.02 23.08 -17.97
C LEU A 364 16.38 21.75 -18.58
N SER A 365 17.36 21.07 -18.00
CA SER A 365 17.66 19.68 -18.38
C SER A 365 16.63 18.72 -17.82
N LEU A 366 15.95 19.09 -16.74
CA LEU A 366 14.95 18.23 -16.12
C LEU A 366 13.66 18.27 -16.91
N PRO A 367 12.89 17.16 -16.91
CA PRO A 367 11.56 17.13 -17.52
C PRO A 367 10.70 18.29 -17.03
N LEU A 368 9.83 18.82 -17.87
CA LEU A 368 9.07 20.01 -17.52
C LEU A 368 8.35 19.84 -16.19
N PHE A 369 7.70 18.70 -15.98
CA PHE A 369 6.90 18.52 -14.78
C PHE A 369 7.77 18.53 -13.52
N ILE A 370 8.92 17.88 -13.58
CA ILE A 370 9.90 17.95 -12.50
C ILE A 370 10.31 19.39 -12.18
N GLN A 371 10.45 20.24 -13.18
CA GLN A 371 10.83 21.62 -12.96
C GLN A 371 9.84 22.31 -12.03
N PHE A 372 8.55 22.25 -12.36
CA PHE A 372 7.50 22.73 -11.47
C PHE A 372 7.59 22.13 -10.08
N GLU A 373 7.66 20.81 -9.97
CA GLU A 373 7.68 20.14 -8.67
C GLU A 373 8.78 20.66 -7.76
N LEU A 374 9.98 20.85 -8.29
CA LEU A 374 11.07 21.41 -7.50
C LEU A 374 10.73 22.78 -6.95
N ILE A 375 10.13 23.64 -7.78
CA ILE A 375 9.54 24.90 -7.32
C ILE A 375 8.75 24.71 -6.04
N LYS A 376 7.74 23.83 -6.08
CA LYS A 376 6.82 23.70 -4.97
C LYS A 376 7.51 23.11 -3.75
N SER A 377 8.40 22.16 -3.95
CA SER A 377 9.21 21.61 -2.87
C SER A 377 9.90 22.69 -2.06
N ILE A 378 10.34 23.77 -2.71
CA ILE A 378 10.94 24.91 -2.02
C ILE A 378 9.90 25.81 -1.38
N LEU A 379 8.75 26.00 -2.03
CA LEU A 379 7.68 26.77 -1.43
C LEU A 379 7.20 26.12 -0.15
N GLU A 380 6.94 24.82 -0.18
CA GLU A 380 6.27 24.12 0.91
C GLU A 380 7.25 23.57 1.94
N ARG A 381 8.27 24.33 2.31
CA ARG A 381 9.08 23.99 3.48
C ARG A 381 8.27 23.96 4.77
N ASP A 382 8.58 23.06 5.68
CA ASP A 382 7.92 23.04 6.98
C ASP A 382 8.56 24.04 7.93
N PRO A 383 7.98 24.25 9.12
CA PRO A 383 8.51 25.22 10.09
C PRO A 383 9.99 25.03 10.37
N HIS A 384 10.49 23.80 10.26
CA HIS A 384 11.89 23.50 10.60
C HIS A 384 12.79 23.65 9.39
N GLY A 385 12.22 24.01 8.23
CA GLY A 385 13.01 24.28 7.06
C GLY A 385 13.27 23.06 6.19
N ASN A 386 12.42 22.04 6.31
CA ASN A 386 12.51 20.86 5.44
C ASN A 386 11.84 21.10 4.10
N PHE A 387 12.55 20.83 3.01
CA PHE A 387 11.96 20.82 1.67
C PHE A 387 10.88 19.76 1.59
N ASN A 388 9.80 20.04 0.86
CA ASN A 388 8.80 19.01 0.61
C ASN A 388 9.27 18.07 -0.49
N VAL A 389 9.95 16.98 -0.14
CA VAL A 389 10.41 16.01 -1.14
C VAL A 389 9.39 14.91 -1.40
N SER A 390 8.67 14.44 -0.39
CA SER A 390 7.58 13.48 -0.58
C SER A 390 6.79 13.87 -1.81
N ARG A 391 6.75 15.15 -2.10
CA ARG A 391 5.85 15.74 -3.06
C ARG A 391 6.47 15.68 -4.46
N VAL A 392 7.78 15.52 -4.53
CA VAL A 392 8.50 15.44 -5.79
C VAL A 392 8.50 14.00 -6.32
N PRO A 393 7.94 13.79 -7.51
CA PRO A 393 7.83 12.45 -8.08
C PRO A 393 9.17 11.96 -8.64
N THR A 394 10.15 11.81 -7.77
CA THR A 394 11.48 11.33 -8.15
C THR A 394 11.43 10.05 -8.98
N GLU A 395 10.54 9.13 -8.65
CA GLU A 395 10.50 7.86 -9.36
C GLU A 395 9.99 8.04 -10.79
N LYS A 396 9.21 9.10 -11.04
CA LYS A 396 8.81 9.42 -12.39
C LYS A 396 9.91 10.16 -13.15
N LEU A 397 10.75 10.91 -12.45
CA LEU A 397 11.94 11.48 -13.05
C LEU A 397 12.82 10.37 -13.59
N PHE A 398 13.11 9.37 -12.76
CA PHE A 398 13.84 8.19 -13.19
C PHE A 398 13.19 7.51 -14.39
N ILE A 399 11.91 7.17 -14.31
CA ILE A 399 11.23 6.52 -15.42
C ILE A 399 11.40 7.30 -16.72
N GLU A 400 11.12 8.60 -16.71
CA GLU A 400 11.21 9.40 -17.92
C GLU A 400 12.61 9.35 -18.50
N MET A 401 13.62 9.60 -17.68
CA MET A 401 14.98 9.66 -18.16
C MET A 401 15.48 8.30 -18.63
N ILE A 402 15.03 7.23 -17.99
CA ILE A 402 15.38 5.89 -18.45
C ILE A 402 14.80 5.60 -19.82
N GLN A 403 13.52 5.87 -20.02
CA GLN A 403 12.88 5.65 -21.31
C GLN A 403 13.65 6.27 -22.47
N SER A 404 14.08 7.52 -22.36
CA SER A 404 14.89 8.14 -23.40
C SER A 404 16.15 7.33 -23.65
N ARG A 405 16.89 7.06 -22.60
CA ARG A 405 18.14 6.31 -22.67
C ARG A 405 17.91 4.96 -23.36
N LEU A 406 16.80 4.28 -23.06
CA LEU A 406 16.49 3.00 -23.70
C LEU A 406 16.03 3.17 -25.14
N ASN A 407 15.23 4.17 -25.44
CA ASN A 407 14.97 4.55 -26.83
C ASN A 407 16.25 4.81 -27.60
N ASP A 408 17.11 5.71 -27.11
CA ASP A 408 18.37 5.99 -27.79
C ASP A 408 19.11 4.71 -28.12
N MET A 409 18.92 3.66 -27.35
CA MET A 409 19.66 2.41 -27.54
C MET A 409 18.90 1.44 -28.44
N LYS A 410 17.58 1.47 -28.41
CA LYS A 410 16.78 0.80 -29.43
C LYS A 410 17.04 1.42 -30.80
N LYS A 411 17.06 2.75 -30.89
CA LYS A 411 17.57 3.46 -32.07
C LYS A 411 18.78 2.81 -32.69
N ARG A 412 19.76 2.39 -31.88
CA ARG A 412 21.02 1.88 -32.41
C ARG A 412 21.05 0.37 -32.37
N GLY A 413 19.90 -0.27 -32.16
CA GLY A 413 19.85 -1.72 -32.12
C GLY A 413 20.73 -2.31 -31.04
N GLU A 414 20.71 -1.69 -29.85
CA GLU A 414 21.50 -2.16 -28.71
C GLU A 414 20.56 -2.51 -27.57
N TYR A 415 19.25 -2.46 -27.81
CA TYR A 415 18.26 -2.81 -26.81
C TYR A 415 17.03 -3.40 -27.46
N LYS A 416 16.90 -4.71 -27.47
CA LYS A 416 15.80 -5.38 -28.16
C LYS A 416 14.54 -5.39 -27.32
N GLY A 417 14.58 -4.81 -26.12
CA GLY A 417 13.72 -5.26 -25.04
C GLY A 417 12.39 -4.53 -25.00
N SER A 418 11.59 -4.84 -23.99
CA SER A 418 10.28 -4.22 -23.85
C SER A 418 10.18 -3.54 -22.49
N PHE A 419 10.12 -2.21 -22.46
CA PHE A 419 10.19 -1.45 -21.21
C PHE A 419 8.85 -0.85 -20.85
N THR A 420 8.12 -1.46 -19.94
CA THR A 420 6.83 -0.93 -19.53
C THR A 420 6.85 -0.54 -18.05
N PRO A 421 7.18 0.73 -17.77
CA PRO A 421 7.40 1.16 -16.39
C PRO A 421 6.09 1.30 -15.62
N VAL A 422 6.13 1.10 -14.32
CA VAL A 422 5.02 1.45 -13.44
C VAL A 422 5.59 2.11 -12.20
N ASP A 423 5.02 3.22 -11.78
CA ASP A 423 5.54 3.98 -10.64
C ASP A 423 4.69 3.74 -9.41
N HIS A 424 5.31 3.79 -8.23
CA HIS A 424 4.61 3.65 -6.97
C HIS A 424 5.23 4.60 -5.96
N PHE A 425 4.45 5.03 -4.97
CA PHE A 425 4.99 5.75 -3.84
C PHE A 425 4.34 5.26 -2.55
N PHE A 426 5.04 4.43 -1.80
CA PHE A 426 4.52 3.94 -0.52
C PHE A 426 5.04 4.82 0.61
N GLY A 427 4.12 5.44 1.36
CA GLY A 427 4.51 6.43 2.35
C GLY A 427 3.40 6.64 3.37
N TYR A 428 2.40 7.44 3.01
CA TYR A 428 1.34 7.78 3.94
C TYR A 428 0.59 6.57 4.48
N GLU A 429 0.45 5.51 3.68
CA GLU A 429 -0.30 4.33 4.10
C GLU A 429 0.47 3.50 5.12
N GLY A 430 1.66 3.93 5.51
CA GLY A 430 2.43 3.19 6.50
C GLY A 430 2.54 3.89 7.84
N ARG A 431 2.17 5.17 7.90
CA ARG A 431 2.46 5.98 9.07
C ARG A 431 1.48 5.70 10.19
N SER A 432 0.22 5.38 9.87
CA SER A 432 -0.83 5.26 10.86
C SER A 432 -1.46 3.89 10.81
N ALA A 433 -0.71 2.90 10.32
CA ALA A 433 -1.11 1.50 10.41
C ALA A 433 -1.08 1.00 11.86
N PHE A 434 -1.70 -0.14 12.15
CA PHE A 434 -1.55 -0.77 13.45
C PHE A 434 -0.08 -1.04 13.70
N PRO A 435 0.43 -0.72 14.91
CA PRO A 435 1.82 -1.04 15.23
C PRO A 435 2.03 -2.54 15.37
N SER A 436 3.16 -3.05 14.90
CA SER A 436 3.54 -4.44 15.17
C SER A 436 3.63 -4.68 16.66
N ASN A 437 3.80 -5.94 17.07
CA ASN A 437 4.11 -6.23 18.46
C ASN A 437 5.35 -5.53 18.95
N PHE A 438 6.40 -5.49 18.12
CA PHE A 438 7.62 -4.79 18.50
C PHE A 438 7.34 -3.35 18.87
N ASP A 439 6.83 -2.55 17.95
CA ASP A 439 6.54 -1.16 18.26
C ASP A 439 5.52 -1.03 19.37
N SER A 440 4.59 -1.98 19.48
CA SER A 440 3.60 -1.94 20.55
C SER A 440 4.27 -2.06 21.91
N ASP A 441 5.15 -3.05 22.09
CA ASP A 441 5.88 -3.20 23.34
C ASP A 441 6.86 -2.05 23.52
N TYR A 442 7.57 -1.68 22.46
CA TYR A 442 8.60 -0.67 22.54
C TYR A 442 8.02 0.70 22.91
N CYS A 443 6.91 1.08 22.28
CA CYS A 443 6.25 2.34 22.58
C CYS A 443 5.67 2.39 23.97
N TYR A 444 4.98 1.33 24.38
CA TYR A 444 4.41 1.26 25.72
C TYR A 444 5.53 1.39 26.75
N SER A 445 6.64 0.68 26.55
CA SER A 445 7.79 0.79 27.44
C SER A 445 8.38 2.18 27.45
N LEU A 446 8.59 2.80 26.29
CA LEU A 446 9.03 4.19 26.22
C LEU A 446 8.18 5.12 27.08
N GLY A 447 6.86 4.98 27.00
CA GLY A 447 5.99 5.90 27.73
C GLY A 447 5.97 5.62 29.22
N TYR A 448 5.87 4.35 29.58
CA TYR A 448 6.01 3.92 30.96
C TYR A 448 7.33 4.42 31.50
N ASN A 449 8.41 4.26 30.73
CA ASN A 449 9.75 4.62 31.20
C ASN A 449 9.84 6.12 31.44
N ALA A 450 9.18 6.90 30.60
CA ALA A 450 9.24 8.36 30.70
C ALA A 450 8.72 8.85 32.04
N VAL A 451 7.62 8.27 32.54
CA VAL A 451 7.09 8.62 33.85
C VAL A 451 8.08 8.35 34.97
N VAL A 452 8.82 7.25 34.90
CA VAL A 452 9.83 6.96 35.90
C VAL A 452 10.98 7.96 35.85
N LEU A 453 11.42 8.37 34.66
CA LEU A 453 12.41 9.44 34.56
C LEU A 453 11.85 10.69 35.24
N ILE A 454 10.59 11.00 34.97
CA ILE A 454 9.91 12.13 35.59
C ILE A 454 9.86 12.01 37.10
N LEU A 455 9.52 10.84 37.62
CA LEU A 455 9.40 10.63 39.07
C LEU A 455 10.76 10.74 39.78
N ASN A 456 11.86 10.76 39.03
CA ASN A 456 13.17 10.98 39.62
C ASN A 456 13.70 12.37 39.35
N GLY A 457 12.87 13.28 38.84
CA GLY A 457 13.24 14.67 38.79
C GLY A 457 14.10 15.03 37.60
N LEU A 458 14.34 14.06 36.72
CA LEU A 458 15.12 14.29 35.51
C LEU A 458 14.41 15.23 34.52
N THR A 459 15.17 16.05 33.80
CA THR A 459 14.61 16.78 32.68
C THR A 459 15.60 16.87 31.54
N GLY A 460 15.13 17.12 30.33
CA GLY A 460 16.03 17.21 29.19
C GLY A 460 16.56 15.86 28.74
N TYR A 461 15.85 14.80 29.11
CA TYR A 461 16.22 13.44 28.69
C TYR A 461 15.33 12.87 27.59
N MET A 462 15.89 11.97 26.79
CA MET A 462 15.12 11.07 25.92
C MET A 462 14.86 9.77 26.66
N SER A 463 13.59 9.37 26.78
CA SER A 463 13.26 8.03 27.25
C SER A 463 14.02 7.03 26.40
N CYS A 464 14.67 6.04 27.02
CA CYS A 464 15.53 5.11 26.28
C CYS A 464 15.33 3.66 26.72
N ILE A 465 15.20 2.74 25.77
CA ILE A 465 15.10 1.32 26.07
C ILE A 465 16.14 0.57 25.24
N LYS A 466 17.05 -0.16 25.89
CA LYS A 466 18.17 -0.78 25.19
C LYS A 466 18.03 -2.28 25.06
N ASN A 467 18.93 -2.89 24.31
CA ASN A 467 18.85 -4.31 23.94
C ASN A 467 17.51 -4.70 23.34
N LEU A 468 17.07 -3.97 22.32
CA LEU A 468 15.73 -4.15 21.76
C LEU A 468 15.62 -5.43 20.95
N ASN A 469 16.74 -6.12 20.72
CA ASN A 469 16.73 -7.39 19.99
C ASN A 469 16.39 -8.57 20.91
N LEU A 470 16.45 -8.37 22.22
CA LEU A 470 16.13 -9.42 23.17
C LEU A 470 14.64 -9.48 23.44
N LYS A 471 14.19 -10.45 24.21
CA LYS A 471 12.81 -10.47 24.69
C LYS A 471 12.56 -9.22 25.52
N PRO A 472 11.38 -8.62 25.39
CA PRO A 472 11.08 -7.36 26.08
C PRO A 472 11.46 -7.41 27.55
N THR A 473 11.22 -8.54 28.21
CA THR A 473 11.46 -8.67 29.63
C THR A 473 12.90 -8.33 29.98
N ASP A 474 13.84 -8.61 29.08
CA ASP A 474 15.25 -8.41 29.34
C ASP A 474 15.73 -7.04 28.88
N TRP A 475 14.83 -6.23 28.35
CA TRP A 475 15.19 -4.89 27.91
C TRP A 475 15.76 -4.06 29.05
N ILE A 476 16.66 -3.14 28.73
CA ILE A 476 17.20 -2.21 29.71
C ILE A 476 16.52 -0.84 29.60
N ALA A 477 16.22 -0.19 30.72
CA ALA A 477 15.53 1.09 30.68
C ALA A 477 16.38 2.22 31.23
N GLY A 478 16.12 3.45 30.79
CA GLY A 478 16.80 4.60 31.34
C GLY A 478 16.63 5.81 30.45
N GLY A 479 17.68 6.62 30.32
CA GLY A 479 17.53 7.94 29.76
C GLY A 479 18.77 8.43 29.06
N VAL A 480 18.59 9.19 27.99
CA VAL A 480 19.68 9.75 27.21
C VAL A 480 19.50 11.25 27.14
N PRO A 481 20.49 12.01 27.63
CA PRO A 481 20.40 13.47 27.51
C PRO A 481 20.24 13.91 26.06
N LEU A 482 19.30 14.80 25.78
CA LEU A 482 19.03 15.24 24.43
C LEU A 482 20.21 15.96 23.78
N THR A 483 20.95 16.76 24.54
CA THR A 483 22.04 17.54 23.96
C THR A 483 23.11 16.70 23.28
N MET A 484 23.26 15.43 23.66
CA MET A 484 24.36 14.61 23.13
C MET A 484 24.10 14.23 21.66
N LEU A 485 22.87 14.38 21.18
CA LEU A 485 22.52 14.01 19.82
C LEU A 485 22.64 15.20 18.87
N MET A 486 23.16 16.32 19.34
CA MET A 486 22.95 17.59 18.66
C MET A 486 24.20 18.15 18.00
N ASN A 487 24.03 18.93 16.94
CA ASN A 487 25.09 19.76 16.41
C ASN A 487 24.59 21.16 16.06
N MET A 488 25.32 21.88 15.21
CA MET A 488 24.85 23.16 14.71
C MET A 488 24.61 23.07 13.22
N GLU A 489 23.56 23.72 12.72
CA GLU A 489 23.11 23.49 11.36
C GLU A 489 22.45 24.75 10.81
N GLU A 490 22.78 25.14 9.58
CA GLU A 490 22.15 26.30 8.95
C GLU A 490 20.75 25.99 8.45
N ARG A 491 19.74 26.56 9.11
CA ARG A 491 18.35 26.37 8.70
C ARG A 491 17.76 27.74 8.37
N TYR A 492 17.07 27.88 7.26
CA TYR A 492 16.44 29.14 6.89
C TYR A 492 17.39 30.32 6.96
N GLY A 493 18.69 30.09 6.81
CA GLY A 493 19.64 31.18 6.76
C GLY A 493 20.40 31.40 8.06
N GLU A 494 19.92 30.77 9.14
CA GLU A 494 20.53 30.93 10.46
C GLU A 494 21.28 29.68 10.90
N LYS A 495 22.30 29.84 11.74
CA LYS A 495 23.02 28.70 12.29
C LYS A 495 22.46 28.24 13.64
N LYS A 496 21.58 27.23 13.64
CA LYS A 496 20.77 26.93 14.80
C LYS A 496 21.21 25.61 15.42
N PRO A 497 21.05 25.46 16.73
CA PRO A 497 21.34 24.19 17.38
C PRO A 497 20.23 23.19 17.11
N VAL A 498 20.56 22.07 16.47
CA VAL A 498 19.56 21.04 16.20
C VAL A 498 20.04 19.64 16.47
N ILE A 499 19.12 18.70 16.65
CA ILE A 499 19.43 17.28 16.65
C ILE A 499 19.94 16.81 15.29
N LYS A 500 21.08 16.13 15.27
CA LYS A 500 21.66 15.65 14.02
C LYS A 500 21.02 14.36 13.57
N LYS A 501 20.35 14.37 12.42
CA LYS A 501 19.82 13.17 11.82
C LYS A 501 20.88 12.09 11.62
N ALA A 502 20.54 10.85 11.89
CA ALA A 502 21.47 9.74 11.76
C ALA A 502 21.20 9.04 10.43
N LEU A 503 22.15 9.10 9.51
CA LEU A 503 21.93 8.59 8.16
C LEU A 503 22.50 7.19 8.09
N VAL A 504 22.33 6.50 6.96
CA VAL A 504 22.90 5.17 6.80
C VAL A 504 24.41 5.19 6.94
N ASP A 505 24.95 4.38 7.83
CA ASP A 505 26.39 4.24 7.98
C ASP A 505 26.92 3.39 6.84
N LEU A 506 27.70 3.98 5.94
CA LEU A 506 28.27 3.25 4.81
C LEU A 506 29.32 2.28 5.29
N GLU A 507 29.70 2.35 6.57
CA GLU A 507 30.61 1.40 7.16
C GLU A 507 29.87 0.35 7.98
N GLY A 508 28.54 0.43 8.02
CA GLY A 508 27.77 -0.39 8.93
C GLY A 508 27.34 -1.72 8.32
N ARG A 509 26.87 -2.64 9.15
CA ARG A 509 26.63 -4.00 8.70
C ARG A 509 25.43 -4.10 7.75
N PRO A 510 24.34 -3.38 8.03
CA PRO A 510 23.20 -3.38 7.11
C PRO A 510 23.62 -2.99 5.69
N PHE A 511 24.44 -1.96 5.56
CA PHE A 511 24.88 -1.53 4.24
C PHE A 511 25.91 -2.46 3.63
N LYS A 512 26.96 -2.81 4.37
CA LYS A 512 27.91 -3.82 3.92
C LYS A 512 27.18 -5.01 3.35
N GLU A 513 26.11 -5.45 4.01
CA GLU A 513 25.41 -6.67 3.65
C GLU A 513 24.63 -6.49 2.36
N PHE A 514 23.93 -5.38 2.23
CA PHE A 514 23.35 -4.97 0.95
C PHE A 514 24.40 -4.95 -0.17
N VAL A 515 25.56 -4.36 0.09
CA VAL A 515 26.61 -4.29 -0.92
C VAL A 515 27.05 -5.67 -1.35
N LYS A 516 27.20 -6.59 -0.40
CA LYS A 516 27.66 -7.93 -0.70
C LYS A 516 26.74 -8.67 -1.67
N ASN A 517 25.45 -8.32 -1.72
CA ASN A 517 24.47 -9.12 -2.44
C ASN A 517 23.81 -8.39 -3.58
N ARG A 518 23.88 -7.06 -3.61
CA ARG A 518 23.04 -6.31 -4.52
C ARG A 518 23.30 -6.68 -5.97
N ASP A 519 24.52 -7.10 -6.29
CA ASP A 519 24.84 -7.55 -7.63
C ASP A 519 24.14 -8.85 -7.98
N LYS A 520 24.10 -9.82 -7.07
CA LYS A 520 23.33 -11.05 -7.29
C LYS A 520 21.86 -10.72 -7.47
N TRP A 521 21.34 -9.75 -6.72
CA TRP A 521 19.92 -9.44 -6.75
C TRP A 521 19.55 -8.75 -8.05
N ALA A 522 20.50 -8.10 -8.70
CA ALA A 522 20.20 -7.31 -9.89
C ALA A 522 19.88 -8.20 -11.08
N LEU A 523 20.72 -9.18 -11.36
CA LEU A 523 20.65 -9.91 -12.62
C LEU A 523 19.91 -11.21 -12.43
N ASN A 524 19.74 -11.65 -11.19
CA ASN A 524 18.98 -12.84 -10.89
C ASN A 524 17.66 -12.47 -10.28
N ASN A 525 16.73 -13.42 -10.17
CA ASN A 525 15.45 -13.15 -9.54
C ASN A 525 15.37 -13.84 -8.20
N LEU A 526 15.90 -13.20 -7.16
CA LEU A 526 16.04 -13.80 -5.85
C LEU A 526 15.14 -13.05 -4.89
N TYR A 527 13.99 -12.62 -5.38
CA TYR A 527 13.04 -11.84 -4.60
C TYR A 527 12.61 -12.59 -3.36
N LEU A 528 12.54 -11.93 -2.21
CA LEU A 528 11.87 -12.48 -1.04
C LEU A 528 10.43 -11.98 -0.96
N TYR A 529 9.54 -12.74 -0.36
CA TYR A 529 8.13 -12.38 -0.32
C TYR A 529 7.64 -12.36 1.12
N PRO A 530 7.91 -11.27 1.84
CA PRO A 530 7.39 -11.13 3.20
C PRO A 530 5.87 -11.03 3.20
N GLY A 531 5.23 -11.41 4.30
CA GLY A 531 3.79 -11.38 4.34
C GLY A 531 3.25 -10.25 5.22
N PRO A 532 1.93 -10.21 5.43
CA PRO A 532 1.33 -9.16 6.27
C PRO A 532 1.85 -9.30 7.69
N VAL A 533 1.94 -8.20 8.42
CA VAL A 533 2.22 -8.26 9.85
C VAL A 533 1.22 -9.18 10.55
N GLN A 534 1.69 -10.07 11.42
CA GLN A 534 0.80 -10.96 12.16
C GLN A 534 0.75 -10.58 13.63
N TYR A 535 -0.41 -10.69 14.26
CA TYR A 535 -0.53 -10.36 15.67
C TYR A 535 -1.00 -11.55 16.50
N PHE A 536 -1.22 -12.69 15.87
CA PHE A 536 -1.58 -13.91 16.59
C PHE A 536 -0.75 -15.06 16.02
N GLY A 537 -0.28 -15.97 16.86
CA GLY A 537 0.50 -17.10 16.37
C GLY A 537 1.84 -17.26 17.07
N SER A 538 2.77 -17.95 16.42
CA SER A 538 4.09 -18.20 16.99
C SER A 538 4.80 -16.90 17.35
N SER A 539 5.26 -16.77 18.58
CA SER A 539 6.12 -15.65 18.98
C SER A 539 7.20 -15.35 17.95
N GLU A 540 7.72 -16.36 17.27
CA GLU A 540 8.81 -16.16 16.32
C GLU A 540 8.32 -15.27 15.19
N ILE A 541 7.11 -15.51 14.71
CA ILE A 541 6.53 -14.72 13.63
C ILE A 541 5.98 -13.39 14.13
N VAL A 542 5.25 -13.41 15.24
CA VAL A 542 4.60 -12.21 15.77
C VAL A 542 5.58 -11.21 16.34
N ASP A 543 6.65 -11.67 16.97
CA ASP A 543 7.62 -10.78 17.61
C ASP A 543 8.86 -10.61 16.77
N GLU A 544 8.76 -10.85 15.47
CA GLU A 544 9.84 -10.60 14.53
C GLU A 544 10.32 -9.14 14.56
N ILE A 545 11.59 -8.90 14.24
CA ILE A 545 12.12 -7.55 14.14
C ILE A 545 12.78 -7.26 12.79
N THR A 546 13.20 -6.03 12.56
CA THR A 546 13.83 -5.63 11.29
C THR A 546 15.17 -6.30 11.03
N GLU A 547 15.57 -6.44 9.77
CA GLU A 547 16.90 -6.90 9.42
C GLU A 547 17.97 -5.91 9.88
N THR A 548 17.73 -4.62 9.66
CA THR A 548 18.60 -3.57 10.18
C THR A 548 18.93 -3.77 11.64
N LEU A 549 17.96 -4.12 12.47
CA LEU A 549 18.18 -4.17 13.90
C LEU A 549 18.92 -5.44 14.27
N LYS A 550 18.67 -6.54 13.57
CA LYS A 550 19.43 -7.77 13.75
C LYS A 550 20.89 -7.57 13.38
N LEU A 551 21.15 -7.05 12.18
CA LEU A 551 22.51 -6.78 11.72
C LEU A 551 23.27 -5.83 12.64
N GLU A 552 22.63 -4.80 13.18
CA GLU A 552 23.32 -3.82 14.02
C GLU A 552 23.55 -4.28 15.45
N LEU A 553 22.57 -4.90 16.09
CA LEU A 553 22.76 -5.44 17.44
C LEU A 553 22.90 -6.95 17.33
N THR B 3 12.30 -17.28 1.42
CA THR B 3 11.46 -16.28 2.07
C THR B 3 11.04 -16.72 3.46
N SER B 4 10.72 -15.76 4.32
CA SER B 4 10.21 -15.96 5.70
C SER B 4 10.06 -17.34 6.34
N LEU B 5 10.24 -17.40 7.66
CA LEU B 5 9.47 -18.27 8.54
C LEU B 5 7.97 -18.12 8.31
N PHE B 6 7.55 -17.04 7.65
CA PHE B 6 6.15 -16.86 7.31
C PHE B 6 5.74 -17.77 6.18
N LYS B 7 6.38 -17.69 5.02
CA LYS B 7 6.03 -18.57 3.91
C LYS B 7 6.10 -20.01 4.38
N GLN B 8 7.16 -20.36 5.10
CA GLN B 8 7.37 -21.74 5.46
C GLN B 8 6.33 -22.19 6.46
N GLU B 9 5.90 -21.30 7.33
CA GLU B 9 4.73 -21.54 8.17
C GLU B 9 3.43 -21.53 7.37
N ARG B 10 3.38 -20.80 6.27
CA ARG B 10 2.14 -20.62 5.52
C ARG B 10 2.03 -21.72 4.47
N GLN B 11 3.16 -22.28 4.06
CA GLN B 11 3.18 -23.40 3.13
C GLN B 11 2.62 -24.66 3.78
N LYS B 12 2.53 -24.69 5.10
CA LYS B 12 2.10 -25.88 5.82
C LYS B 12 0.59 -25.87 6.02
N TYR B 13 -0.05 -24.74 5.79
CA TYR B 13 -1.50 -24.62 5.97
C TYR B 13 -2.25 -25.61 5.10
N ILE B 14 -3.35 -26.17 5.61
CA ILE B 14 -4.13 -27.11 4.84
C ILE B 14 -5.45 -26.47 4.43
N PRO B 15 -5.58 -26.14 3.12
CA PRO B 15 -6.83 -25.56 2.61
C PRO B 15 -8.02 -26.45 2.92
N LYS B 16 -9.17 -25.85 3.22
CA LYS B 16 -10.33 -26.61 3.64
C LYS B 16 -11.26 -26.93 2.47
N LEU B 17 -11.61 -28.20 2.30
CA LEU B 17 -12.51 -28.61 1.22
C LEU B 17 -13.97 -28.62 1.65
N PRO B 18 -14.90 -28.60 0.68
CA PRO B 18 -16.29 -28.90 0.96
C PRO B 18 -16.41 -30.36 1.37
N ASN B 19 -17.29 -30.67 2.32
CA ASN B 19 -17.38 -32.03 2.85
C ASN B 19 -17.59 -33.06 1.74
N ILE B 20 -18.32 -32.71 0.69
CA ILE B 20 -18.56 -33.65 -0.39
C ILE B 20 -17.29 -34.05 -1.12
N LEU B 21 -16.29 -33.18 -1.21
CA LEU B 21 -15.08 -33.48 -1.97
C LEU B 21 -14.10 -34.31 -1.17
N LYS B 22 -14.38 -34.54 0.11
CA LYS B 22 -13.55 -35.43 0.92
C LYS B 22 -13.94 -36.90 0.75
N LYS B 23 -15.06 -37.16 0.11
CA LYS B 23 -15.50 -38.54 -0.10
C LYS B 23 -14.62 -39.23 -1.13
N ASP B 24 -14.59 -40.56 -1.14
CA ASP B 24 -14.07 -41.30 -2.27
C ASP B 24 -14.75 -40.85 -3.55
N PHE B 25 -14.02 -40.79 -4.65
CA PHE B 25 -14.58 -40.26 -5.88
C PHE B 25 -15.71 -41.14 -6.44
N ASN B 26 -15.69 -42.43 -6.14
CA ASN B 26 -16.81 -43.33 -6.49
C ASN B 26 -18.05 -43.08 -5.66
N ASN B 27 -17.95 -42.27 -4.63
CA ASN B 27 -19.09 -42.02 -3.77
C ASN B 27 -19.53 -40.57 -3.92
N ILE B 28 -19.18 -39.95 -5.04
CA ILE B 28 -19.68 -38.64 -5.41
C ILE B 28 -20.55 -38.77 -6.65
N SER B 29 -21.84 -38.47 -6.54
CA SER B 29 -22.75 -38.65 -7.66
C SER B 29 -23.31 -37.31 -8.13
N LEU B 30 -23.81 -37.23 -9.35
CA LEU B 30 -24.19 -35.96 -9.95
C LEU B 30 -25.63 -35.61 -9.64
N VAL B 31 -25.92 -34.33 -9.48
CA VAL B 31 -27.30 -33.86 -9.40
C VAL B 31 -27.56 -32.94 -10.58
N TYR B 32 -28.38 -33.37 -11.53
CA TYR B 32 -28.63 -32.58 -12.74
C TYR B 32 -29.70 -31.53 -12.49
N GLY B 33 -29.37 -30.26 -12.68
CA GLY B 33 -30.32 -29.21 -12.39
C GLY B 33 -31.08 -28.79 -13.63
N GLU B 34 -31.62 -27.57 -13.58
CA GLU B 34 -32.31 -26.97 -14.71
C GLU B 34 -31.37 -26.76 -15.88
N ASN B 35 -31.87 -26.90 -17.11
CA ASN B 35 -31.04 -26.70 -18.30
C ASN B 35 -30.89 -25.24 -18.69
N THR B 36 -29.77 -24.90 -19.34
CA THR B 36 -29.33 -23.52 -19.46
C THR B 36 -29.64 -22.92 -20.80
N GLU B 37 -29.73 -21.59 -20.87
CA GLU B 37 -29.70 -20.86 -22.13
C GLU B 37 -28.88 -19.61 -21.92
N ALA B 38 -28.34 -19.04 -22.99
CA ALA B 38 -27.53 -17.84 -22.87
C ALA B 38 -28.35 -16.70 -22.26
N ILE B 39 -27.71 -15.59 -21.93
CA ILE B 39 -28.42 -14.42 -21.45
C ILE B 39 -29.18 -13.76 -22.58
N GLN B 40 -28.59 -13.70 -23.77
CA GLN B 40 -29.22 -13.10 -24.94
C GLN B 40 -28.65 -13.73 -26.19
N ASP B 41 -29.29 -13.54 -27.33
CA ASP B 41 -28.86 -14.16 -28.57
C ASP B 41 -28.94 -15.69 -28.47
N ARG B 42 -29.87 -16.19 -27.65
CA ARG B 42 -30.01 -17.61 -27.38
C ARG B 42 -29.92 -18.47 -28.64
N GLN B 43 -30.46 -17.97 -29.75
CA GLN B 43 -30.51 -18.74 -30.99
C GLN B 43 -29.14 -18.85 -31.64
N ALA B 44 -28.44 -17.73 -31.82
CA ALA B 44 -27.13 -17.73 -32.45
C ALA B 44 -26.17 -18.62 -31.68
N LEU B 45 -26.17 -18.53 -30.36
CA LEU B 45 -25.24 -19.31 -29.55
C LEU B 45 -25.54 -20.79 -29.60
N LYS B 46 -26.81 -21.18 -29.55
CA LYS B 46 -27.19 -22.58 -29.73
C LYS B 46 -26.59 -23.17 -31.00
N GLU B 47 -26.61 -22.42 -32.10
CA GLU B 47 -26.04 -22.90 -33.36
C GLU B 47 -24.52 -22.85 -33.35
N PHE B 48 -23.92 -21.83 -32.76
CA PHE B 48 -22.47 -21.77 -32.60
C PHE B 48 -21.99 -22.93 -31.75
N PHE B 49 -22.44 -23.00 -30.50
CA PHE B 49 -22.03 -24.06 -29.60
C PHE B 49 -22.86 -25.33 -29.82
N LYS B 50 -22.73 -25.92 -31.00
CA LYS B 50 -23.62 -26.99 -31.45
C LYS B 50 -23.70 -28.13 -30.45
N ASN B 51 -22.56 -28.64 -30.00
CA ASN B 51 -22.49 -29.92 -29.31
C ASN B 51 -22.53 -29.74 -27.79
N THR B 52 -22.52 -28.51 -27.30
CA THR B 52 -22.40 -28.27 -25.87
C THR B 52 -23.38 -27.25 -25.34
N TYR B 53 -24.21 -26.67 -26.20
CA TYR B 53 -25.17 -25.66 -25.77
C TYR B 53 -26.21 -26.27 -24.84
N GLY B 54 -26.72 -25.50 -23.88
CA GLY B 54 -27.90 -25.91 -23.17
C GLY B 54 -27.64 -26.98 -22.12
N LEU B 55 -26.36 -27.21 -21.82
CA LEU B 55 -26.00 -28.10 -20.71
C LEU B 55 -26.63 -27.64 -19.40
N PRO B 56 -26.94 -28.59 -18.51
CA PRO B 56 -27.64 -28.24 -17.27
C PRO B 56 -26.68 -27.90 -16.13
N ILE B 57 -27.13 -27.11 -15.17
CA ILE B 57 -26.39 -26.92 -13.91
C ILE B 57 -26.03 -28.28 -13.33
N ILE B 58 -24.79 -28.48 -12.95
CA ILE B 58 -24.38 -29.70 -12.23
C ILE B 58 -24.16 -29.41 -10.75
N SER B 59 -24.23 -30.44 -9.91
CA SER B 59 -24.00 -30.29 -8.48
C SER B 59 -23.71 -31.68 -7.95
N PHE B 60 -22.88 -31.78 -6.91
CA PHE B 60 -22.46 -33.08 -6.39
C PHE B 60 -23.19 -33.40 -5.09
N THR B 61 -23.36 -34.68 -4.80
CA THR B 61 -23.89 -35.12 -3.52
C THR B 61 -23.41 -36.54 -3.30
N GLU B 62 -23.47 -37.06 -2.08
CA GLU B 62 -22.89 -38.36 -1.80
C GLU B 62 -23.69 -39.49 -2.45
N GLY B 63 -23.01 -40.54 -2.91
CA GLY B 63 -23.73 -41.64 -3.54
C GLY B 63 -22.88 -42.45 -4.50
N GLU B 64 -23.01 -43.76 -4.44
CA GLU B 64 -22.28 -44.65 -5.36
C GLU B 64 -22.38 -44.16 -6.80
N SER B 65 -21.25 -44.04 -7.49
CA SER B 65 -21.28 -43.70 -8.91
C SER B 65 -20.33 -44.54 -9.74
N SER B 66 -20.01 -44.06 -10.94
CA SER B 66 -19.10 -44.75 -11.84
C SER B 66 -18.30 -43.74 -12.64
N LEU B 67 -16.98 -43.84 -12.63
CA LEU B 67 -16.13 -42.82 -13.22
C LEU B 67 -15.90 -43.03 -14.71
N SER B 68 -15.51 -41.99 -15.44
CA SER B 68 -15.20 -42.10 -16.85
C SER B 68 -13.77 -42.56 -17.06
N PHE B 69 -13.03 -42.83 -15.99
CA PHE B 69 -11.65 -43.27 -16.12
C PHE B 69 -11.24 -44.30 -15.07
N SER B 70 -10.30 -45.17 -15.42
CA SER B 70 -9.62 -46.00 -14.43
C SER B 70 -8.12 -45.81 -14.60
N LYS B 71 -7.70 -45.43 -15.81
CA LYS B 71 -6.28 -45.20 -16.08
C LYS B 71 -5.81 -43.86 -15.54
N ALA B 72 -4.51 -43.73 -15.26
CA ALA B 72 -3.95 -42.46 -14.81
C ALA B 72 -4.35 -41.31 -15.71
N LEU B 73 -4.60 -40.12 -15.15
CA LEU B 73 -4.96 -38.95 -15.94
C LEU B 73 -3.74 -38.16 -16.39
N ASN B 74 -3.79 -37.59 -17.59
CA ASN B 74 -2.88 -36.53 -18.00
C ASN B 74 -3.61 -35.20 -18.13
N ILE B 75 -3.29 -34.25 -17.26
CA ILE B 75 -3.99 -32.96 -17.26
C ILE B 75 -3.08 -31.79 -17.59
N GLY B 76 -3.47 -30.97 -18.57
CA GLY B 76 -2.79 -29.72 -18.80
C GLY B 76 -3.51 -28.58 -18.10
N ILE B 77 -2.75 -27.58 -17.68
CA ILE B 77 -3.33 -26.46 -16.96
C ILE B 77 -2.69 -25.14 -17.37
N ILE B 78 -3.48 -24.07 -17.46
CA ILE B 78 -2.97 -22.77 -17.93
C ILE B 78 -3.38 -21.67 -16.97
N LEU B 79 -2.44 -20.82 -16.57
CA LEU B 79 -2.78 -19.57 -15.90
C LEU B 79 -2.90 -18.44 -16.90
N SER B 80 -4.04 -17.77 -16.95
CA SER B 80 -4.31 -16.85 -18.03
C SER B 80 -4.64 -15.45 -17.54
N GLY B 81 -4.17 -14.41 -18.24
CA GLY B 81 -4.48 -13.05 -17.85
C GLY B 81 -3.70 -12.57 -16.64
N GLY B 82 -4.15 -11.46 -16.05
CA GLY B 82 -3.51 -10.94 -14.86
C GLY B 82 -3.65 -11.85 -13.65
N PRO B 83 -2.61 -11.97 -12.80
CA PRO B 83 -2.70 -12.83 -11.63
C PRO B 83 -3.76 -12.42 -10.61
N ALA B 84 -4.27 -13.39 -9.85
CA ALA B 84 -5.09 -13.13 -8.68
C ALA B 84 -4.65 -14.05 -7.56
N PRO B 85 -4.61 -13.56 -6.32
CA PRO B 85 -4.11 -14.40 -5.22
C PRO B 85 -4.88 -15.69 -5.11
N GLY B 86 -4.20 -16.83 -5.21
CA GLY B 86 -4.85 -18.11 -5.03
C GLY B 86 -4.65 -19.06 -6.20
N GLY B 87 -4.21 -18.52 -7.35
CA GLY B 87 -3.98 -19.36 -8.51
C GLY B 87 -3.17 -20.61 -8.22
N HIS B 88 -2.16 -20.48 -7.37
CA HIS B 88 -1.29 -21.60 -7.06
C HIS B 88 -2.04 -22.66 -6.25
N ASN B 89 -3.06 -22.26 -5.50
CA ASN B 89 -3.94 -23.20 -4.80
C ASN B 89 -4.94 -23.91 -5.72
N VAL B 90 -5.35 -23.28 -6.81
CA VAL B 90 -6.11 -24.01 -7.82
C VAL B 90 -5.26 -25.13 -8.36
N ILE B 91 -3.98 -24.87 -8.58
CA ILE B 91 -3.08 -25.88 -9.11
C ILE B 91 -2.77 -26.97 -8.09
N SER B 92 -2.51 -26.62 -6.83
CA SER B 92 -2.29 -27.63 -5.80
C SER B 92 -3.54 -28.47 -5.57
N GLY B 93 -4.73 -27.89 -5.67
CA GLY B 93 -5.95 -28.66 -5.54
C GLY B 93 -6.13 -29.66 -6.67
N VAL B 94 -5.93 -29.21 -7.90
CA VAL B 94 -5.91 -30.10 -9.07
C VAL B 94 -4.92 -31.24 -8.86
N PHE B 95 -3.66 -30.91 -8.56
CA PHE B 95 -2.64 -31.92 -8.35
C PHE B 95 -3.09 -32.97 -7.35
N ASP B 96 -3.50 -32.56 -6.15
CA ASP B 96 -3.88 -33.50 -5.12
C ASP B 96 -5.02 -34.39 -5.57
N ALA B 97 -6.00 -33.82 -6.28
CA ALA B 97 -7.18 -34.59 -6.66
C ALA B 97 -6.81 -35.73 -7.60
N ILE B 98 -6.01 -35.47 -8.61
CA ILE B 98 -5.68 -36.49 -9.60
C ILE B 98 -4.74 -37.52 -9.00
N LYS B 99 -3.95 -37.14 -7.99
CA LYS B 99 -3.10 -38.09 -7.30
C LYS B 99 -3.94 -39.05 -6.46
N LYS B 100 -4.91 -38.53 -5.73
CA LYS B 100 -5.86 -39.38 -5.00
C LYS B 100 -6.53 -40.35 -5.95
N PHE B 101 -7.00 -39.88 -7.10
CA PHE B 101 -7.62 -40.74 -8.10
C PHE B 101 -6.64 -41.82 -8.58
N ASN B 102 -5.43 -41.43 -8.93
CA ASN B 102 -4.44 -42.38 -9.43
C ASN B 102 -3.05 -41.77 -9.34
N PRO B 103 -2.21 -42.29 -8.45
CA PRO B 103 -0.87 -41.72 -8.22
C PRO B 103 -0.04 -41.60 -9.47
N ASN B 104 -0.36 -42.33 -10.53
CA ASN B 104 0.39 -42.19 -11.78
C ASN B 104 -0.07 -41.01 -12.64
N SER B 105 -1.09 -40.29 -12.22
CA SER B 105 -1.60 -39.17 -13.01
C SER B 105 -0.55 -38.07 -13.10
N LYS B 106 -0.46 -37.39 -14.23
CA LYS B 106 0.51 -36.31 -14.39
C LYS B 106 -0.13 -34.96 -14.62
N LEU B 107 0.43 -33.90 -14.07
CA LEU B 107 -0.05 -32.53 -14.33
C LEU B 107 0.97 -31.73 -15.12
N PHE B 108 0.58 -31.20 -16.27
CA PHE B 108 1.47 -30.35 -17.05
C PHE B 108 1.01 -28.90 -17.06
N GLY B 109 1.88 -27.99 -16.62
CA GLY B 109 1.57 -26.58 -16.70
C GLY B 109 2.20 -25.94 -17.90
N PHE B 110 1.38 -25.36 -18.77
CA PHE B 110 1.91 -24.59 -19.88
C PHE B 110 2.32 -23.18 -19.47
N LYS B 111 3.41 -22.67 -20.03
CA LYS B 111 4.07 -21.48 -19.50
C LYS B 111 3.58 -20.20 -20.14
N GLY B 112 3.29 -19.19 -19.33
CA GLY B 112 3.06 -17.85 -19.85
C GLY B 112 1.70 -17.70 -20.52
N GLY B 113 0.74 -18.52 -20.13
CA GLY B 113 -0.61 -18.34 -20.62
C GLY B 113 -0.94 -19.25 -21.79
N PRO B 114 -2.04 -18.99 -22.51
CA PRO B 114 -2.46 -19.80 -23.66
C PRO B 114 -1.37 -20.00 -24.70
N LEU B 115 -0.40 -19.09 -24.77
CA LEU B 115 0.68 -19.20 -25.74
C LEU B 115 1.55 -20.43 -25.47
N GLY B 116 1.84 -20.72 -24.21
CA GLY B 116 2.60 -21.91 -23.90
C GLY B 116 1.96 -23.19 -24.41
N LEU B 117 0.64 -23.15 -24.60
CA LEU B 117 -0.06 -24.28 -25.21
C LEU B 117 0.24 -24.33 -26.70
N LEU B 118 0.21 -23.20 -27.38
CA LEU B 118 0.42 -23.16 -28.83
C LEU B 118 1.85 -23.52 -29.21
N GLU B 119 2.77 -23.55 -28.25
CA GLU B 119 4.17 -23.81 -28.53
C GLU B 119 4.67 -25.02 -27.75
N ASN B 120 3.76 -25.82 -27.21
CA ASN B 120 4.14 -26.97 -26.39
C ASN B 120 5.25 -26.59 -25.42
N ASP B 121 5.11 -25.44 -24.77
CA ASP B 121 6.12 -24.93 -23.85
C ASP B 121 5.62 -25.15 -22.42
N LYS B 122 6.04 -26.24 -21.78
CA LYS B 122 5.35 -26.75 -20.61
C LYS B 122 6.31 -27.37 -19.62
N ILE B 123 5.87 -27.58 -18.39
CA ILE B 123 6.66 -28.32 -17.41
C ILE B 123 5.75 -29.28 -16.66
N GLU B 124 6.22 -30.47 -16.34
CA GLU B 124 5.50 -31.32 -15.41
C GLU B 124 5.48 -30.64 -14.07
N LEU B 125 4.32 -30.54 -13.45
CA LEU B 125 4.22 -30.05 -12.08
C LEU B 125 4.30 -31.21 -11.11
N THR B 126 5.49 -31.50 -10.60
CA THR B 126 5.69 -32.61 -9.67
C THR B 126 5.35 -32.17 -8.26
N GLU B 127 5.23 -33.13 -7.34
CA GLU B 127 4.81 -32.82 -5.98
C GLU B 127 5.76 -31.86 -5.31
N SER B 128 7.06 -32.10 -5.45
CA SER B 128 8.07 -31.29 -4.78
C SER B 128 7.97 -29.84 -5.20
N LEU B 129 7.81 -29.60 -6.50
CA LEU B 129 7.66 -28.25 -7.02
C LEU B 129 6.37 -27.61 -6.53
N ILE B 130 5.24 -28.28 -6.70
CA ILE B 130 3.95 -27.76 -6.23
C ILE B 130 4.00 -27.46 -4.75
N ASN B 131 4.77 -28.23 -3.99
CA ASN B 131 4.85 -28.09 -2.55
C ASN B 131 5.36 -26.71 -2.16
N SER B 132 6.30 -26.15 -2.92
CA SER B 132 6.88 -24.86 -2.59
C SER B 132 5.98 -23.69 -2.99
N TYR B 133 4.97 -23.94 -3.83
CA TYR B 133 3.99 -22.91 -4.16
C TYR B 133 2.70 -22.93 -3.36
N ARG B 134 2.47 -23.96 -2.56
CA ARG B 134 1.23 -24.06 -1.79
C ARG B 134 0.93 -22.81 -0.98
N ASN B 135 -0.24 -22.21 -1.21
CA ASN B 135 -0.71 -21.09 -0.41
C ASN B 135 0.03 -19.79 -0.69
N THR B 136 0.84 -19.74 -1.74
CA THR B 136 1.55 -18.53 -2.11
C THR B 136 0.75 -17.67 -3.09
N GLY B 137 1.07 -16.39 -3.20
CA GLY B 137 0.51 -15.56 -4.26
C GLY B 137 1.23 -15.79 -5.58
N GLY B 138 0.72 -15.17 -6.63
CA GLY B 138 1.43 -15.17 -7.90
C GLY B 138 0.89 -16.20 -8.87
N PHE B 139 1.18 -16.01 -10.15
CA PHE B 139 1.07 -17.07 -11.14
C PHE B 139 2.42 -17.64 -11.53
N ASP B 140 3.44 -17.37 -10.73
CA ASP B 140 4.82 -17.46 -11.20
C ASP B 140 5.33 -18.89 -11.26
N ILE B 141 4.55 -19.87 -10.81
CA ILE B 141 4.92 -21.27 -11.00
C ILE B 141 5.09 -21.61 -12.48
N VAL B 142 4.30 -20.99 -13.35
CA VAL B 142 4.48 -21.17 -14.78
C VAL B 142 4.33 -19.86 -15.53
N SER B 143 3.98 -18.80 -14.82
CA SER B 143 3.70 -17.50 -15.43
C SER B 143 2.44 -17.50 -16.28
N SER B 144 1.90 -16.32 -16.57
CA SER B 144 0.69 -16.21 -17.38
C SER B 144 0.87 -15.28 -18.56
N GLY B 145 -0.17 -15.10 -19.36
CA GLY B 145 -0.12 -14.17 -20.48
C GLY B 145 -1.50 -14.02 -21.08
N ARG B 146 -1.63 -13.19 -22.12
CA ARG B 146 -2.94 -12.86 -22.66
C ARG B 146 -3.12 -13.26 -24.11
N THR B 147 -2.30 -14.17 -24.62
CA THR B 147 -2.50 -14.70 -25.96
C THR B 147 -3.90 -15.24 -26.13
N LYS B 148 -4.66 -14.67 -27.06
CA LYS B 148 -5.96 -15.22 -27.42
C LYS B 148 -5.79 -16.42 -28.33
N ILE B 149 -6.70 -17.38 -28.22
CA ILE B 149 -6.71 -18.53 -29.13
C ILE B 149 -7.89 -18.42 -30.07
N GLU B 150 -7.69 -17.95 -31.30
CA GLU B 150 -8.80 -17.57 -32.15
C GLU B 150 -8.69 -17.97 -33.62
N THR B 151 -7.49 -18.09 -34.17
CA THR B 151 -7.35 -18.57 -35.55
C THR B 151 -7.55 -20.08 -35.60
N GLU B 152 -8.34 -20.56 -36.55
CA GLU B 152 -8.46 -21.99 -36.83
C GLU B 152 -7.13 -22.70 -36.69
N GLU B 153 -6.07 -22.08 -37.19
CA GLU B 153 -4.70 -22.55 -36.99
C GLU B 153 -4.39 -22.72 -35.51
N HIS B 154 -4.79 -21.76 -34.68
CA HIS B 154 -4.68 -21.87 -33.23
C HIS B 154 -5.36 -23.10 -32.66
N TYR B 155 -6.69 -23.16 -32.74
CA TYR B 155 -7.43 -24.29 -32.19
C TYR B 155 -6.82 -25.58 -32.72
N ASN B 156 -6.31 -25.55 -33.94
CA ASN B 156 -5.73 -26.73 -34.56
C ASN B 156 -4.44 -27.11 -33.85
N LYS B 157 -3.53 -26.16 -33.66
CA LYS B 157 -2.27 -26.42 -32.95
C LYS B 157 -2.51 -26.76 -31.49
N ALA B 158 -3.47 -26.08 -30.85
CA ALA B 158 -3.87 -26.42 -29.49
C ALA B 158 -4.27 -27.88 -29.39
N LEU B 159 -5.15 -28.34 -30.26
CA LEU B 159 -5.52 -29.76 -30.32
C LEU B 159 -4.31 -30.64 -30.57
N PHE B 160 -3.55 -30.36 -31.63
CA PHE B 160 -2.27 -31.03 -31.86
C PHE B 160 -1.54 -31.23 -30.54
N VAL B 161 -1.26 -30.15 -29.82
CA VAL B 161 -0.36 -30.21 -28.67
C VAL B 161 -0.96 -30.98 -27.51
N ALA B 162 -2.27 -30.89 -27.31
CA ALA B 162 -2.95 -31.71 -26.31
C ALA B 162 -2.71 -33.20 -26.57
N LYS B 163 -2.85 -33.64 -27.82
CA LYS B 163 -2.50 -35.00 -28.20
C LYS B 163 -1.02 -35.28 -28.10
N GLU B 164 -0.18 -34.32 -28.48
CA GLU B 164 1.28 -34.49 -28.39
C GLU B 164 1.69 -34.83 -26.97
N ASN B 165 0.88 -34.45 -25.97
CA ASN B 165 1.20 -34.71 -24.58
C ASN B 165 0.23 -35.71 -23.97
N ASN B 166 -0.66 -36.28 -24.76
CA ASN B 166 -1.56 -37.33 -24.28
C ASN B 166 -2.50 -36.80 -23.20
N LEU B 167 -3.09 -35.63 -23.41
CA LEU B 167 -3.90 -34.99 -22.38
C LEU B 167 -5.35 -35.47 -22.41
N ASN B 168 -5.90 -35.82 -21.25
CA ASN B 168 -7.32 -36.14 -21.13
C ASN B 168 -8.15 -34.87 -21.01
N ALA B 169 -7.56 -33.81 -20.45
CA ALA B 169 -8.31 -32.59 -20.17
C ALA B 169 -7.40 -31.39 -20.06
N ILE B 170 -7.92 -30.20 -20.34
CA ILE B 170 -7.20 -28.95 -20.11
C ILE B 170 -7.98 -28.05 -19.17
N ILE B 171 -7.34 -27.59 -18.10
CA ILE B 171 -7.98 -26.68 -17.15
C ILE B 171 -7.46 -25.28 -17.38
N ILE B 172 -8.36 -24.32 -17.62
CA ILE B 172 -7.96 -22.95 -17.90
C ILE B 172 -8.39 -22.02 -16.78
N ILE B 173 -7.45 -21.30 -16.20
CA ILE B 173 -7.71 -20.46 -15.05
C ILE B 173 -7.60 -19.02 -15.50
N GLY B 174 -8.70 -18.28 -15.51
CA GLY B 174 -8.68 -16.94 -16.05
C GLY B 174 -9.98 -16.19 -15.86
N GLY B 175 -10.05 -14.99 -16.42
CA GLY B 175 -11.27 -14.21 -16.33
C GLY B 175 -12.21 -14.49 -17.47
N ASP B 176 -13.03 -13.49 -17.84
CA ASP B 176 -14.15 -13.73 -18.73
C ASP B 176 -13.71 -14.12 -20.13
N ASP B 177 -12.77 -13.40 -20.72
CA ASP B 177 -12.16 -13.81 -21.98
C ASP B 177 -11.63 -15.23 -21.96
N SER B 178 -10.73 -15.54 -21.05
CA SER B 178 -10.15 -16.88 -20.95
C SER B 178 -11.25 -17.94 -20.89
N ASN B 179 -12.33 -17.69 -20.17
CA ASN B 179 -13.39 -18.67 -20.01
C ASN B 179 -14.34 -18.78 -21.18
N THR B 180 -14.58 -17.69 -21.91
CA THR B 180 -15.13 -17.77 -23.25
C THR B 180 -14.24 -18.66 -24.12
N ASN B 181 -12.94 -18.37 -24.16
CA ASN B 181 -11.97 -19.22 -24.83
C ASN B 181 -12.18 -20.69 -24.50
N ALA B 182 -12.19 -21.06 -23.22
CA ALA B 182 -12.31 -22.45 -22.83
C ALA B 182 -13.61 -23.06 -23.34
N ALA B 183 -14.71 -22.33 -23.25
CA ALA B 183 -16.00 -22.82 -23.72
C ALA B 183 -15.94 -23.21 -25.19
N ILE B 184 -15.44 -22.31 -26.03
CA ILE B 184 -15.22 -22.59 -27.44
C ILE B 184 -14.25 -23.74 -27.65
N LEU B 185 -13.05 -23.63 -27.10
CA LEU B 185 -12.10 -24.74 -27.09
C LEU B 185 -12.76 -26.07 -26.70
N ALA B 186 -13.66 -26.05 -25.73
CA ALA B 186 -14.31 -27.28 -25.30
C ALA B 186 -15.05 -27.91 -26.47
N GLU B 187 -15.76 -27.11 -27.25
CA GLU B 187 -16.54 -27.65 -28.35
C GLU B 187 -15.68 -28.07 -29.52
N TYR B 188 -14.77 -27.21 -29.97
CA TYR B 188 -13.82 -27.58 -31.01
C TYR B 188 -13.25 -28.98 -30.77
N PHE B 189 -12.94 -29.32 -29.52
CA PHE B 189 -12.48 -30.66 -29.19
C PHE B 189 -13.57 -31.71 -29.36
N LYS B 190 -14.81 -31.34 -29.08
CA LYS B 190 -15.93 -32.25 -29.20
C LYS B 190 -16.33 -32.36 -30.67
N LYS B 191 -16.46 -31.22 -31.34
CA LYS B 191 -16.70 -31.13 -32.77
C LYS B 191 -15.92 -32.16 -33.58
N ASN B 192 -14.67 -32.45 -33.19
CA ASN B 192 -13.82 -33.31 -33.99
C ASN B 192 -13.60 -34.67 -33.32
N GLY B 193 -14.53 -35.10 -32.47
CA GLY B 193 -14.51 -36.48 -32.00
C GLY B 193 -13.30 -36.80 -31.13
N GLU B 194 -12.77 -35.79 -30.46
CA GLU B 194 -11.64 -35.98 -29.55
C GLU B 194 -12.14 -36.00 -28.10
N ASN B 195 -11.63 -36.92 -27.29
CA ASN B 195 -11.98 -36.95 -25.87
C ASN B 195 -11.03 -36.08 -25.06
N ILE B 196 -11.08 -34.76 -25.26
CA ILE B 196 -10.35 -33.83 -24.43
C ILE B 196 -11.30 -32.85 -23.77
N GLN B 197 -11.44 -32.93 -22.45
CA GLN B 197 -12.37 -32.08 -21.72
C GLN B 197 -11.72 -30.76 -21.39
N VAL B 198 -12.49 -29.67 -21.42
CA VAL B 198 -11.97 -28.36 -21.04
C VAL B 198 -12.81 -27.77 -19.92
N ILE B 199 -12.20 -27.51 -18.78
CA ILE B 199 -12.89 -26.88 -17.66
C ILE B 199 -12.34 -25.48 -17.40
N GLY B 200 -13.20 -24.54 -17.00
CA GLY B 200 -12.75 -23.21 -16.67
C GLY B 200 -12.85 -22.89 -15.19
N VAL B 201 -11.98 -22.01 -14.71
CA VAL B 201 -11.96 -21.61 -13.31
C VAL B 201 -12.12 -20.09 -13.21
N PRO B 202 -13.04 -19.61 -12.37
CA PRO B 202 -13.41 -18.18 -12.34
C PRO B 202 -12.39 -17.33 -11.57
N LYS B 203 -11.52 -16.62 -12.29
CA LYS B 203 -10.44 -15.84 -11.69
C LYS B 203 -10.57 -14.37 -12.06
N THR B 204 -10.65 -13.49 -11.08
CA THR B 204 -10.29 -12.08 -11.26
C THR B 204 -10.52 -11.27 -10.01
N ILE B 205 -9.60 -10.35 -9.68
CA ILE B 205 -9.83 -9.42 -8.58
C ILE B 205 -10.98 -8.47 -8.91
N ASP B 206 -11.34 -8.31 -10.17
CA ASP B 206 -12.39 -7.35 -10.54
C ASP B 206 -13.74 -7.84 -10.05
N ALA B 207 -13.88 -9.16 -9.88
CA ALA B 207 -15.17 -9.76 -9.53
C ALA B 207 -16.24 -9.43 -10.57
N ASP B 208 -15.84 -9.18 -11.81
CA ASP B 208 -16.78 -8.93 -12.90
C ASP B 208 -17.07 -10.21 -13.65
N LEU B 209 -16.64 -11.35 -13.11
CA LEU B 209 -16.97 -12.66 -13.65
C LEU B 209 -17.81 -13.44 -12.64
N ARG B 210 -19.13 -13.27 -12.66
CA ARG B 210 -20.00 -13.98 -11.74
C ARG B 210 -21.47 -13.86 -12.11
N ASN B 211 -22.33 -14.64 -11.47
CA ASN B 211 -23.76 -14.66 -11.77
C ASN B 211 -24.52 -15.27 -10.59
N ASP B 212 -25.75 -15.74 -10.79
CA ASP B 212 -26.53 -16.28 -9.67
C ASP B 212 -25.94 -17.54 -9.10
N HIS B 213 -25.09 -18.24 -9.87
CA HIS B 213 -24.49 -19.48 -9.40
C HIS B 213 -23.03 -19.29 -9.01
N ILE B 214 -22.28 -18.47 -9.75
CA ILE B 214 -20.92 -18.13 -9.38
C ILE B 214 -20.96 -16.95 -8.44
N GLU B 215 -20.76 -17.18 -7.15
CA GLU B 215 -21.03 -16.16 -6.14
C GLU B 215 -19.90 -15.13 -6.10
N ILE B 216 -18.69 -15.52 -6.49
CA ILE B 216 -17.58 -14.58 -6.52
C ILE B 216 -16.43 -15.20 -7.29
N SER B 217 -15.61 -14.39 -7.96
CA SER B 217 -14.38 -14.87 -8.59
C SER B 217 -13.24 -14.85 -7.58
N PHE B 218 -12.26 -15.73 -7.71
CA PHE B 218 -11.23 -15.82 -6.68
C PHE B 218 -10.22 -14.69 -6.77
N GLY B 219 -9.67 -14.26 -5.65
CA GLY B 219 -8.72 -13.16 -5.65
C GLY B 219 -9.33 -11.84 -5.18
N PHE B 220 -10.61 -11.66 -5.45
CA PHE B 220 -11.35 -10.47 -5.01
C PHE B 220 -11.23 -10.30 -3.52
N ASP B 221 -11.43 -11.36 -2.75
CA ASP B 221 -11.33 -11.31 -1.31
C ASP B 221 -9.96 -10.79 -0.88
N SER B 222 -8.89 -11.44 -1.32
CA SER B 222 -7.54 -11.05 -0.93
C SER B 222 -7.20 -9.63 -1.36
N ALA B 223 -7.47 -9.27 -2.62
CA ALA B 223 -7.05 -7.96 -3.11
C ALA B 223 -7.78 -6.82 -2.42
N THR B 224 -9.07 -6.98 -2.14
CA THR B 224 -9.84 -5.95 -1.44
C THR B 224 -9.39 -5.78 0.01
N LYS B 225 -9.05 -6.88 0.69
CA LYS B 225 -8.52 -6.77 2.04
C LYS B 225 -7.24 -5.95 2.11
N ILE B 226 -6.33 -6.14 1.15
CA ILE B 226 -5.12 -5.35 1.08
C ILE B 226 -5.38 -3.89 0.74
N TYR B 227 -6.19 -3.63 -0.29
CA TYR B 227 -6.58 -2.27 -0.63
C TYR B 227 -7.22 -1.60 0.57
N SER B 228 -8.16 -2.30 1.22
CA SER B 228 -8.95 -1.73 2.32
C SER B 228 -8.10 -1.33 3.49
N GLU B 229 -7.12 -2.14 3.88
CA GLU B 229 -6.19 -1.74 4.92
C GLU B 229 -5.48 -0.45 4.53
N LEU B 230 -4.90 -0.40 3.33
CA LEU B 230 -4.13 0.76 2.92
C LEU B 230 -4.99 2.01 2.93
N ILE B 231 -6.22 1.89 2.43
CA ILE B 231 -7.18 2.99 2.48
C ILE B 231 -7.56 3.33 3.92
N GLY B 232 -7.80 2.32 4.76
CA GLY B 232 -7.98 2.56 6.17
C GLY B 232 -6.82 3.29 6.81
N ASN B 233 -5.59 2.92 6.43
CA ASN B 233 -4.40 3.60 6.93
C ASN B 233 -4.37 5.05 6.49
N LEU B 234 -4.70 5.34 5.23
CA LEU B 234 -4.80 6.71 4.76
C LEU B 234 -5.88 7.48 5.50
N CYS B 235 -7.05 6.88 5.72
CA CYS B 235 -8.05 7.52 6.57
C CYS B 235 -7.42 7.90 7.89
N ARG B 236 -6.70 6.98 8.53
CA ARG B 236 -6.25 7.25 9.88
C ARG B 236 -5.11 8.26 9.91
N ASP B 237 -4.28 8.27 8.88
CA ASP B 237 -3.28 9.32 8.71
C ASP B 237 -3.97 10.67 8.51
N ALA B 238 -5.05 10.71 7.73
CA ALA B 238 -5.81 11.92 7.52
C ALA B 238 -6.44 12.49 8.78
N MET B 239 -7.09 11.65 9.59
CA MET B 239 -7.55 12.07 10.92
C MET B 239 -6.40 12.59 11.78
N SER B 240 -5.20 12.03 11.60
CA SER B 240 -4.11 12.32 12.51
C SER B 240 -3.53 13.70 12.26
N THR B 241 -3.34 14.07 11.00
CA THR B 241 -2.71 15.35 10.67
C THR B 241 -3.72 16.45 10.33
N LYS B 242 -4.96 16.07 10.01
CA LYS B 242 -6.03 17.02 9.76
C LYS B 242 -5.73 17.97 8.59
N LYS B 243 -5.12 17.49 7.51
CA LYS B 243 -4.68 18.41 6.47
C LYS B 243 -4.75 17.89 5.04
N TYR B 244 -4.76 16.57 4.83
CA TYR B 244 -4.70 16.03 3.47
C TYR B 244 -6.04 15.57 2.94
N TRP B 245 -6.25 15.73 1.64
CA TRP B 245 -7.28 14.99 0.92
C TRP B 245 -6.68 13.91 0.06
N HIS B 246 -6.85 12.65 0.47
CA HIS B 246 -6.31 11.53 -0.30
C HIS B 246 -7.27 11.07 -1.37
N PHE B 247 -6.82 11.03 -2.62
CA PHE B 247 -7.62 10.48 -3.71
C PHE B 247 -7.10 9.14 -4.14
N VAL B 248 -7.83 8.07 -3.84
CA VAL B 248 -7.35 6.73 -4.13
C VAL B 248 -8.03 6.13 -5.35
N LYS B 249 -7.29 5.94 -6.43
CA LYS B 249 -7.79 5.15 -7.55
C LYS B 249 -7.50 3.67 -7.33
N LEU B 250 -8.51 2.82 -7.52
CA LEU B 250 -8.36 1.37 -7.40
C LEU B 250 -8.39 0.70 -8.77
N MET B 251 -7.66 -0.41 -8.94
CA MET B 251 -7.76 -1.20 -10.17
C MET B 251 -9.15 -1.67 -10.54
N GLY B 252 -9.42 -1.83 -11.83
CA GLY B 252 -10.75 -2.18 -12.27
C GLY B 252 -11.33 -1.18 -13.28
N ARG B 253 -10.92 -1.35 -14.54
CA ARG B 253 -11.34 -0.48 -15.64
C ARG B 253 -12.84 -0.67 -15.95
N SER B 254 -13.41 -1.82 -15.57
CA SER B 254 -14.72 -2.23 -16.06
C SER B 254 -15.89 -2.09 -15.09
N ALA B 255 -15.67 -2.28 -13.79
CA ALA B 255 -16.76 -2.37 -12.82
C ALA B 255 -16.32 -1.71 -11.53
N SER B 256 -17.16 -1.71 -10.50
CA SER B 256 -16.85 -1.01 -9.26
C SER B 256 -16.95 -1.92 -8.04
N HIS B 257 -16.98 -3.24 -8.22
CA HIS B 257 -17.01 -4.20 -7.12
C HIS B 257 -15.90 -3.89 -6.11
N VAL B 258 -14.69 -3.67 -6.60
CA VAL B 258 -13.55 -3.39 -5.72
C VAL B 258 -13.70 -2.07 -4.96
N ALA B 259 -14.03 -0.99 -5.64
CA ALA B 259 -14.25 0.29 -4.97
C ALA B 259 -15.36 0.18 -3.93
N LEU B 260 -16.45 -0.49 -4.27
CA LEU B 260 -17.60 -0.61 -3.37
C LEU B 260 -17.20 -1.38 -2.12
N GLU B 261 -16.59 -2.54 -2.30
CA GLU B 261 -16.11 -3.34 -1.18
C GLU B 261 -15.21 -2.49 -0.27
N CYS B 262 -14.17 -1.87 -0.82
CA CYS B 262 -13.28 -1.04 -0.02
C CYS B 262 -14.02 0.07 0.70
N ALA B 263 -15.05 0.63 0.09
CA ALA B 263 -15.86 1.67 0.72
C ALA B 263 -16.65 1.13 1.91
N LEU B 264 -17.30 -0.02 1.76
CA LEU B 264 -18.00 -0.65 2.89
C LEU B 264 -17.02 -1.02 3.99
N LYS B 265 -15.76 -1.23 3.65
CA LYS B 265 -14.77 -1.58 4.67
C LYS B 265 -14.12 -0.39 5.36
N THR B 266 -14.12 0.78 4.73
CA THR B 266 -13.37 1.91 5.26
C THR B 266 -14.21 3.13 5.60
N HIS B 267 -15.40 3.25 5.01
CA HIS B 267 -16.22 4.44 5.22
C HIS B 267 -15.48 5.71 4.82
N PRO B 268 -15.07 5.82 3.54
CA PRO B 268 -14.45 7.06 3.11
C PRO B 268 -15.47 8.20 2.99
N ASN B 269 -15.00 9.42 2.85
CA ASN B 269 -15.90 10.57 2.79
C ASN B 269 -16.62 10.62 1.46
N ILE B 270 -16.00 10.06 0.41
CA ILE B 270 -16.60 10.00 -0.92
C ILE B 270 -16.24 8.69 -1.58
N CYS B 271 -17.18 8.06 -2.28
CA CYS B 271 -16.86 6.97 -3.18
C CYS B 271 -17.75 7.01 -4.42
N ILE B 272 -17.16 7.18 -5.59
CA ILE B 272 -17.93 7.23 -6.83
C ILE B 272 -18.16 5.83 -7.37
N VAL B 273 -19.41 5.48 -7.67
CA VAL B 273 -19.72 4.20 -8.30
C VAL B 273 -20.04 4.38 -9.77
N SER B 274 -19.16 3.91 -10.66
CA SER B 274 -19.29 4.12 -12.09
C SER B 274 -20.68 3.75 -12.57
N GLU B 275 -21.15 2.58 -12.18
CA GLU B 275 -22.47 2.11 -12.58
C GLU B 275 -23.56 3.11 -12.23
N GLU B 276 -23.46 3.75 -11.05
CA GLU B 276 -24.47 4.72 -10.63
C GLU B 276 -24.37 5.97 -11.47
N VAL B 277 -23.15 6.41 -11.76
CA VAL B 277 -22.93 7.55 -12.65
C VAL B 277 -23.54 7.32 -14.03
N LEU B 278 -23.27 6.17 -14.64
CA LEU B 278 -23.89 5.81 -15.91
C LEU B 278 -25.43 5.81 -15.81
N ALA B 279 -25.99 5.19 -14.78
CA ALA B 279 -27.43 5.02 -14.68
C ALA B 279 -28.15 6.35 -14.52
N LYS B 280 -27.62 7.24 -13.68
CA LYS B 280 -28.20 8.57 -13.49
C LYS B 280 -27.75 9.51 -14.62
N LYS B 281 -26.88 9.04 -15.50
CA LYS B 281 -26.45 9.83 -16.64
C LYS B 281 -25.90 11.17 -16.17
N LYS B 282 -24.89 11.13 -15.31
CA LYS B 282 -24.29 12.33 -14.71
C LYS B 282 -23.31 12.99 -15.67
N THR B 283 -23.11 14.30 -15.54
CA THR B 283 -22.03 14.97 -16.27
C THR B 283 -20.73 14.90 -15.48
N LEU B 284 -19.62 15.22 -16.12
CA LEU B 284 -18.36 15.40 -15.41
C LEU B 284 -18.47 16.45 -14.32
N SER B 285 -19.06 17.60 -14.62
CA SER B 285 -19.05 18.73 -13.70
C SER B 285 -19.97 18.47 -12.52
N GLU B 286 -21.05 17.74 -12.74
CA GLU B 286 -21.93 17.34 -11.65
C GLU B 286 -21.17 16.48 -10.64
N ILE B 287 -20.40 15.51 -11.12
CA ILE B 287 -19.53 14.73 -10.25
C ILE B 287 -18.57 15.64 -9.48
N ILE B 288 -17.93 16.59 -10.17
CA ILE B 288 -17.06 17.55 -9.50
C ILE B 288 -17.78 18.33 -8.42
N ASP B 289 -18.98 18.83 -8.72
CA ASP B 289 -19.76 19.60 -7.75
C ASP B 289 -19.97 18.80 -6.50
N GLU B 290 -20.37 17.54 -6.66
CA GLU B 290 -20.62 16.65 -5.53
C GLU B 290 -19.40 16.54 -4.65
N MET B 291 -18.21 16.43 -5.22
CA MET B 291 -17.00 16.33 -4.43
C MET B 291 -16.66 17.66 -3.79
N VAL B 292 -16.68 18.74 -4.58
CA VAL B 292 -16.45 20.09 -4.04
C VAL B 292 -17.38 20.37 -2.88
N SER B 293 -18.66 20.04 -3.03
CA SER B 293 -19.67 20.35 -2.03
C SER B 293 -19.33 19.66 -0.71
N VAL B 294 -18.89 18.41 -0.76
CA VAL B 294 -18.38 17.72 0.42
C VAL B 294 -17.17 18.40 1.02
N ILE B 295 -16.18 18.74 0.20
CA ILE B 295 -14.96 19.35 0.69
C ILE B 295 -15.27 20.66 1.37
N LEU B 296 -16.13 21.48 0.77
CA LEU B 296 -16.53 22.76 1.34
C LEU B 296 -17.17 22.58 2.70
N LYS B 297 -18.17 21.73 2.80
CA LYS B 297 -18.89 21.54 4.05
C LYS B 297 -17.99 21.06 5.16
N ARG B 298 -17.08 20.12 4.86
CA ARG B 298 -16.15 19.67 5.89
C ARG B 298 -15.19 20.79 6.30
N SER B 299 -14.71 21.61 5.37
CA SER B 299 -13.93 22.79 5.70
C SER B 299 -14.66 23.69 6.70
N LEU B 300 -15.94 23.94 6.46
CA LEU B 300 -16.75 24.72 7.38
C LEU B 300 -16.83 24.07 8.75
N ASN B 301 -16.59 22.77 8.85
CA ASN B 301 -16.54 22.12 10.16
C ASN B 301 -15.14 22.10 10.76
N GLY B 302 -14.17 22.76 10.12
CA GLY B 302 -12.80 22.67 10.58
C GLY B 302 -12.04 21.52 9.95
N ASP B 303 -12.73 20.69 9.18
CA ASP B 303 -12.09 19.51 8.60
C ASP B 303 -11.49 19.78 7.24
N ASN B 304 -10.22 20.15 7.18
CA ASN B 304 -9.55 20.37 5.92
C ASN B 304 -8.79 19.11 5.50
N PHE B 305 -9.50 18.00 5.42
CA PHE B 305 -8.90 16.71 5.10
C PHE B 305 -10.02 15.76 4.75
N GLY B 306 -9.71 14.70 4.02
CA GLY B 306 -10.70 13.66 3.77
C GLY B 306 -10.16 12.58 2.87
N VAL B 307 -10.98 11.58 2.56
CA VAL B 307 -10.54 10.47 1.71
C VAL B 307 -11.53 10.19 0.60
N VAL B 308 -11.06 10.04 -0.64
CA VAL B 308 -11.93 9.80 -1.77
C VAL B 308 -11.57 8.49 -2.45
N ILE B 309 -12.55 7.64 -2.75
CA ILE B 309 -12.30 6.44 -3.56
C ILE B 309 -12.91 6.55 -4.94
N VAL B 310 -12.14 6.26 -5.98
CA VAL B 310 -12.64 6.30 -7.34
C VAL B 310 -12.21 5.07 -8.12
N PRO B 311 -13.16 4.41 -8.81
CA PRO B 311 -12.80 3.28 -9.66
C PRO B 311 -12.05 3.73 -10.90
N GLU B 312 -11.15 2.88 -11.40
CA GLU B 312 -10.22 3.22 -12.45
C GLU B 312 -10.93 3.48 -13.77
N GLY B 313 -12.12 2.92 -13.95
CA GLY B 313 -12.81 3.03 -15.23
C GLY B 313 -13.87 4.12 -15.28
N LEU B 314 -13.84 5.02 -14.31
CA LEU B 314 -14.92 5.98 -14.09
C LEU B 314 -15.23 6.84 -15.31
N ILE B 315 -14.26 7.56 -15.85
CA ILE B 315 -14.50 8.42 -17.01
C ILE B 315 -15.20 7.69 -18.14
N GLU B 316 -14.94 6.39 -18.30
CA GLU B 316 -15.55 5.63 -19.38
C GLU B 316 -17.03 5.34 -19.11
N PHE B 317 -17.53 5.76 -17.95
CA PHE B 317 -18.95 5.62 -17.64
C PHE B 317 -19.65 6.98 -17.62
N ILE B 318 -18.92 8.05 -17.91
CA ILE B 318 -19.51 9.37 -18.09
C ILE B 318 -19.98 9.57 -19.53
N PRO B 319 -21.29 9.51 -19.77
CA PRO B 319 -21.84 9.60 -21.13
C PRO B 319 -21.30 10.76 -21.95
N GLU B 320 -21.27 11.97 -21.40
CA GLU B 320 -20.55 13.07 -22.05
C GLU B 320 -19.25 12.61 -22.62
N VAL B 321 -18.38 12.04 -21.78
CA VAL B 321 -17.00 11.78 -22.15
C VAL B 321 -16.99 10.78 -23.29
N LYS B 322 -17.62 9.62 -23.06
CA LYS B 322 -17.87 8.61 -24.09
C LYS B 322 -18.29 9.23 -25.41
N SER B 323 -19.37 10.01 -25.39
CA SER B 323 -19.73 10.89 -26.49
C SER B 323 -18.54 11.62 -27.12
N LEU B 324 -17.65 12.20 -26.33
CA LEU B 324 -16.57 13.02 -26.88
C LEU B 324 -15.54 12.19 -27.61
N MET B 325 -15.12 11.06 -27.02
CA MET B 325 -14.27 10.12 -27.72
C MET B 325 -14.98 9.51 -28.92
N LEU B 326 -16.31 9.58 -28.96
CA LEU B 326 -17.05 9.32 -30.20
C LEU B 326 -16.77 10.37 -31.27
N GLU B 327 -17.09 11.64 -31.00
CA GLU B 327 -16.80 12.72 -31.95
C GLU B 327 -15.34 12.91 -32.28
N LEU B 328 -14.46 12.91 -31.28
CA LEU B 328 -13.03 12.88 -31.53
C LEU B 328 -12.69 11.81 -32.54
N CYS B 329 -13.24 10.61 -32.39
CA CYS B 329 -13.11 9.57 -33.41
C CYS B 329 -13.95 9.89 -34.64
N ASP B 330 -14.68 11.01 -34.63
CA ASP B 330 -15.54 11.37 -35.77
C ASP B 330 -14.88 12.39 -36.73
N ILE B 331 -14.13 13.36 -36.20
CA ILE B 331 -13.38 14.24 -37.08
C ILE B 331 -12.42 13.35 -37.89
N PHE B 332 -12.29 12.07 -37.45
CA PHE B 332 -11.06 11.22 -37.58
C PHE B 332 -11.50 10.00 -38.29
N ILE B 344 0.18 19.04 -32.30
CA ILE B 344 -0.80 18.79 -31.25
C ILE B 344 -1.59 20.04 -30.90
N GLU B 345 -0.92 21.09 -30.41
CA GLU B 345 -1.57 22.22 -29.75
C GLU B 345 -2.65 22.83 -30.62
N LYS B 346 -2.33 23.13 -31.88
CA LYS B 346 -3.32 23.73 -32.76
C LYS B 346 -4.18 22.63 -33.38
N MET B 347 -3.55 21.50 -33.69
CA MET B 347 -4.23 20.36 -34.30
C MET B 347 -5.34 19.83 -33.43
N LYS B 348 -5.37 20.19 -32.14
CA LYS B 348 -6.57 19.98 -31.34
C LYS B 348 -7.58 21.06 -31.61
N GLU B 349 -7.12 22.30 -31.76
CA GLU B 349 -8.02 23.44 -31.92
C GLU B 349 -8.93 23.28 -33.12
N ILE B 350 -8.47 22.60 -34.17
CA ILE B 350 -9.37 22.04 -35.18
C ILE B 350 -10.47 21.22 -34.56
N PHE B 351 -10.15 20.29 -33.66
CA PHE B 351 -11.17 19.56 -32.93
C PHE B 351 -12.23 20.47 -32.33
N VAL B 352 -11.89 21.72 -32.01
CA VAL B 352 -12.82 22.65 -31.34
C VAL B 352 -13.92 23.27 -32.19
N ALA B 353 -13.56 23.94 -33.28
CA ALA B 353 -14.52 24.71 -34.07
C ALA B 353 -15.48 23.74 -34.71
N LYS B 354 -15.03 22.53 -35.00
CA LYS B 354 -15.86 21.56 -35.67
C LYS B 354 -16.57 20.60 -34.72
N LEU B 355 -16.04 20.36 -33.52
CA LEU B 355 -16.80 19.70 -32.45
C LEU B 355 -18.17 20.33 -32.43
N SER B 356 -19.21 19.52 -32.32
CA SER B 356 -20.48 20.00 -31.80
C SER B 356 -20.25 20.94 -30.64
N ASP B 357 -21.15 21.90 -30.43
CA ASP B 357 -21.11 22.71 -29.22
C ASP B 357 -21.20 21.85 -27.98
N TYR B 358 -22.22 21.00 -27.92
CA TYR B 358 -22.62 20.34 -26.68
C TYR B 358 -21.40 19.65 -26.10
N MET B 359 -20.61 19.00 -26.95
CA MET B 359 -19.35 18.44 -26.55
C MET B 359 -18.30 19.53 -26.42
N LYS B 360 -18.48 20.63 -27.13
CA LYS B 360 -17.52 21.74 -27.04
C LYS B 360 -17.42 22.29 -25.63
N GLY B 361 -18.51 22.81 -25.08
CA GLY B 361 -18.50 23.28 -23.71
C GLY B 361 -17.93 22.27 -22.74
N VAL B 362 -18.13 20.98 -23.05
CA VAL B 362 -17.51 19.90 -22.28
C VAL B 362 -16.03 19.75 -22.58
N TYR B 363 -15.64 19.73 -23.85
CA TYR B 363 -14.25 19.59 -24.20
C TYR B 363 -13.37 20.66 -23.55
N LEU B 364 -13.95 21.81 -23.24
CA LEU B 364 -13.18 22.93 -22.74
C LEU B 364 -13.23 23.01 -21.22
N SER B 365 -14.23 22.38 -20.61
CA SER B 365 -14.21 22.11 -19.17
C SER B 365 -12.93 21.39 -18.77
N LEU B 366 -12.45 20.47 -19.60
CA LEU B 366 -11.33 19.61 -19.24
C LEU B 366 -10.04 20.40 -19.31
N PRO B 367 -9.04 20.06 -18.47
CA PRO B 367 -7.72 20.69 -18.48
C PRO B 367 -7.01 20.41 -19.79
N LEU B 368 -6.11 21.29 -20.21
CA LEU B 368 -5.39 21.11 -21.47
C LEU B 368 -4.66 19.77 -21.52
N PHE B 369 -4.00 19.38 -20.44
CA PHE B 369 -3.20 18.16 -20.45
C PHE B 369 -4.12 16.95 -20.62
N ILE B 370 -5.40 17.10 -20.26
CA ILE B 370 -6.42 16.11 -20.60
C ILE B 370 -6.86 16.28 -22.05
N GLN B 371 -7.05 17.52 -22.49
CA GLN B 371 -7.36 17.80 -23.88
C GLN B 371 -6.31 17.23 -24.82
N PHE B 372 -5.08 17.76 -24.73
CA PHE B 372 -3.95 17.17 -25.43
C PHE B 372 -3.89 15.68 -25.21
N GLU B 373 -4.30 15.21 -24.03
CA GLU B 373 -4.30 13.79 -23.73
C GLU B 373 -5.34 13.08 -24.58
N LEU B 374 -6.53 13.65 -24.69
CA LEU B 374 -7.58 13.08 -25.51
C LEU B 374 -7.12 12.91 -26.96
N ILE B 375 -6.17 13.74 -27.39
CA ILE B 375 -5.56 13.61 -28.71
C ILE B 375 -4.60 12.44 -28.74
N LYS B 376 -3.81 12.25 -27.69
CA LYS B 376 -2.96 11.07 -27.55
C LYS B 376 -3.79 9.80 -27.52
N SER B 377 -4.95 9.81 -26.85
CA SER B 377 -5.88 8.69 -26.90
C SER B 377 -6.30 8.39 -28.31
N ILE B 378 -6.22 9.37 -29.21
CA ILE B 378 -6.62 9.17 -30.60
C ILE B 378 -5.76 8.13 -31.30
N LEU B 379 -4.44 8.30 -31.28
CA LEU B 379 -3.53 7.31 -31.84
C LEU B 379 -3.90 5.90 -31.40
N GLU B 380 -3.92 5.64 -30.09
CA GLU B 380 -4.37 4.37 -29.54
C GLU B 380 -5.43 3.70 -30.40
N ARG B 391 -5.84 5.63 -19.35
CA ARG B 391 -4.52 6.23 -19.50
C ARG B 391 -4.47 7.55 -18.73
N VAL B 392 -5.16 8.56 -19.24
CA VAL B 392 -5.50 9.75 -18.47
C VAL B 392 -5.94 9.41 -17.03
N PRO B 393 -5.58 10.24 -16.04
CA PRO B 393 -5.85 9.85 -14.64
C PRO B 393 -7.21 10.31 -14.21
N THR B 394 -8.21 9.44 -14.23
CA THR B 394 -9.33 9.55 -13.31
C THR B 394 -8.94 10.30 -12.03
N GLU B 395 -7.81 9.95 -11.44
CA GLU B 395 -7.30 10.65 -10.27
C GLU B 395 -6.97 12.11 -10.55
N LYS B 396 -6.08 12.40 -11.49
CA LYS B 396 -5.51 13.73 -11.58
C LYS B 396 -6.39 14.69 -12.37
N LEU B 397 -7.37 14.16 -13.10
CA LEU B 397 -8.43 14.98 -13.67
C LEU B 397 -9.24 15.64 -12.56
N PHE B 398 -9.80 14.85 -11.66
CA PHE B 398 -10.64 15.35 -10.58
C PHE B 398 -9.92 16.35 -9.69
N ILE B 399 -8.71 16.03 -9.25
CA ILE B 399 -7.97 16.90 -8.35
C ILE B 399 -7.74 18.23 -9.03
N GLU B 400 -7.32 18.20 -10.29
CA GLU B 400 -7.22 19.40 -11.13
C GLU B 400 -8.51 20.21 -11.16
N MET B 401 -9.61 19.60 -11.56
CA MET B 401 -10.87 20.33 -11.72
C MET B 401 -11.42 20.81 -10.37
N ILE B 402 -11.21 20.06 -9.31
CA ILE B 402 -11.56 20.52 -7.97
C ILE B 402 -10.73 21.73 -7.56
N GLN B 403 -9.41 21.67 -7.74
CA GLN B 403 -8.56 22.82 -7.46
C GLN B 403 -9.06 24.09 -8.15
N SER B 404 -9.49 23.98 -9.40
CA SER B 404 -9.99 25.15 -10.13
C SER B 404 -11.23 25.72 -9.46
N ARG B 405 -12.23 24.89 -9.16
CA ARG B 405 -13.47 25.38 -8.58
C ARG B 405 -13.25 25.92 -7.19
N LEU B 406 -12.30 25.38 -6.44
CA LEU B 406 -11.93 25.95 -5.16
C LEU B 406 -11.17 27.26 -5.28
N ASN B 407 -10.17 27.34 -6.16
CA ASN B 407 -9.48 28.61 -6.42
C ASN B 407 -10.46 29.74 -6.64
N ASP B 408 -11.42 29.58 -7.55
CA ASP B 408 -12.42 30.61 -7.77
C ASP B 408 -13.17 30.91 -6.48
N MET B 409 -13.51 29.88 -5.72
CA MET B 409 -14.37 30.06 -4.56
C MET B 409 -13.65 30.81 -3.46
N LYS B 410 -12.35 30.55 -3.28
CA LYS B 410 -11.54 31.36 -2.36
C LYS B 410 -11.43 32.78 -2.87
N LYS B 411 -11.19 32.97 -4.16
CA LYS B 411 -11.13 34.31 -4.75
C LYS B 411 -12.42 35.09 -4.57
N ARG B 412 -13.56 34.41 -4.47
CA ARG B 412 -14.84 35.07 -4.23
C ARG B 412 -15.22 34.98 -2.76
N GLY B 413 -14.25 34.73 -1.89
CA GLY B 413 -14.51 34.69 -0.46
C GLY B 413 -15.45 33.60 0.00
N GLU B 414 -15.60 32.56 -0.81
CA GLU B 414 -16.57 31.49 -0.51
C GLU B 414 -15.90 30.24 0.05
N TYR B 415 -14.60 30.08 -0.17
CA TYR B 415 -13.85 28.95 0.36
C TYR B 415 -12.65 29.40 1.15
N LYS B 416 -12.66 29.21 2.47
CA LYS B 416 -11.57 29.66 3.31
C LYS B 416 -10.62 28.53 3.68
N GLY B 417 -10.91 27.32 3.23
CA GLY B 417 -10.12 26.17 3.64
C GLY B 417 -8.83 26.02 2.86
N SER B 418 -8.01 25.06 3.25
CA SER B 418 -6.79 24.74 2.52
C SER B 418 -6.94 23.36 1.87
N PHE B 419 -6.74 23.26 0.57
CA PHE B 419 -6.93 22.00 -0.14
C PHE B 419 -5.59 21.44 -0.59
N THR B 420 -5.12 20.38 0.06
CA THR B 420 -3.84 19.77 -0.30
C THR B 420 -4.06 18.30 -0.70
N PRO B 421 -4.22 18.05 -2.00
CA PRO B 421 -4.54 16.71 -2.51
C PRO B 421 -3.33 15.81 -2.58
N VAL B 422 -3.52 14.52 -2.31
CA VAL B 422 -2.51 13.50 -2.59
C VAL B 422 -3.16 12.39 -3.39
N ASP B 423 -2.49 11.88 -4.42
CA ASP B 423 -3.06 10.85 -5.27
C ASP B 423 -2.45 9.49 -4.96
N HIS B 424 -3.23 8.42 -5.14
CA HIS B 424 -2.73 7.06 -4.93
C HIS B 424 -3.34 6.18 -6.00
N PHE B 425 -2.67 5.11 -6.38
CA PHE B 425 -3.26 4.07 -7.21
C PHE B 425 -2.90 2.70 -6.67
N PHE B 426 -3.83 2.04 -6.01
CA PHE B 426 -3.60 0.71 -5.48
C PHE B 426 -4.11 -0.32 -6.45
N GLY B 427 -3.23 -1.18 -6.94
CA GLY B 427 -3.62 -2.15 -7.95
C GLY B 427 -2.65 -3.31 -7.99
N TYR B 428 -1.49 -3.11 -8.61
CA TYR B 428 -0.57 -4.20 -8.86
C TYR B 428 -0.11 -4.87 -7.58
N GLU B 429 -0.02 -4.12 -6.48
CA GLU B 429 0.45 -4.69 -5.22
C GLU B 429 -0.60 -5.56 -4.55
N GLY B 430 -1.76 -5.74 -5.18
CA GLY B 430 -2.80 -6.58 -4.62
C GLY B 430 -2.96 -7.91 -5.36
N ARG B 431 -2.40 -8.02 -6.57
CA ARG B 431 -2.73 -9.13 -7.46
C ARG B 431 -1.99 -10.40 -7.08
N SER B 432 -0.76 -10.28 -6.56
CA SER B 432 0.08 -11.43 -6.30
C SER B 432 0.47 -11.49 -4.83
N ALA B 433 -0.32 -10.89 -3.95
CA ALA B 433 -0.18 -11.07 -2.52
C ALA B 433 -0.53 -12.48 -2.08
N PHE B 434 -0.15 -12.88 -0.87
CA PHE B 434 -0.62 -14.12 -0.31
C PHE B 434 -2.13 -14.14 -0.28
N PRO B 435 -2.75 -15.25 -0.73
CA PRO B 435 -4.20 -15.34 -0.61
C PRO B 435 -4.66 -15.45 0.83
N SER B 436 -5.77 -14.80 1.18
CA SER B 436 -6.40 -15.02 2.47
C SER B 436 -6.79 -16.48 2.63
N ASN B 437 -7.17 -16.89 3.83
CA ASN B 437 -7.77 -18.21 4.02
C ASN B 437 -8.94 -18.46 3.08
N PHE B 438 -9.82 -17.49 2.91
CA PHE B 438 -10.97 -17.66 2.03
C PHE B 438 -10.52 -18.06 0.63
N ASP B 439 -9.76 -17.22 -0.05
CA ASP B 439 -9.27 -17.57 -1.38
C ASP B 439 -8.45 -18.85 -1.38
N SER B 440 -7.74 -19.12 -0.29
CA SER B 440 -6.93 -20.32 -0.20
C SER B 440 -7.80 -21.57 -0.22
N ASP B 441 -8.85 -21.61 0.60
CA ASP B 441 -9.79 -22.72 0.59
C ASP B 441 -10.58 -22.73 -0.71
N TYR B 442 -11.03 -21.57 -1.16
CA TYR B 442 -11.91 -21.47 -2.32
C TYR B 442 -11.17 -21.92 -3.58
N CYS B 443 -9.94 -21.48 -3.77
CA CYS B 443 -9.15 -21.86 -4.92
C CYS B 443 -8.78 -23.32 -4.91
N TYR B 444 -8.34 -23.85 -3.77
CA TYR B 444 -8.03 -25.27 -3.66
C TYR B 444 -9.26 -26.09 -3.99
N SER B 445 -10.41 -25.75 -3.42
CA SER B 445 -11.67 -26.41 -3.74
C SER B 445 -12.01 -26.33 -5.22
N LEU B 446 -11.90 -25.14 -5.82
CA LEU B 446 -12.12 -24.99 -7.27
C LEU B 446 -11.28 -25.97 -8.08
N GLY B 447 -10.00 -26.11 -7.77
CA GLY B 447 -9.14 -26.97 -8.57
C GLY B 447 -9.40 -28.45 -8.32
N TYR B 448 -9.55 -28.81 -7.05
CA TYR B 448 -9.97 -30.15 -6.68
C TYR B 448 -11.26 -30.48 -7.41
N ASN B 449 -12.22 -29.56 -7.39
CA ASN B 449 -13.54 -29.80 -7.97
C ASN B 449 -13.44 -29.99 -9.48
N ALA B 450 -12.58 -29.23 -10.15
CA ALA B 450 -12.39 -29.36 -11.58
C ALA B 450 -12.06 -30.79 -11.99
N VAL B 451 -11.24 -31.47 -11.19
CA VAL B 451 -10.87 -32.85 -11.49
C VAL B 451 -12.07 -33.77 -11.43
N VAL B 452 -12.92 -33.60 -10.41
CA VAL B 452 -14.12 -34.42 -10.27
C VAL B 452 -15.12 -34.17 -11.39
N LEU B 453 -15.21 -32.94 -11.89
CA LEU B 453 -15.98 -32.68 -13.11
C LEU B 453 -15.36 -33.46 -14.26
N ILE B 454 -14.05 -33.42 -14.36
CA ILE B 454 -13.35 -34.14 -15.42
C ILE B 454 -13.58 -35.64 -15.31
N LEU B 455 -13.47 -36.21 -14.11
CA LEU B 455 -13.67 -37.64 -13.90
C LEU B 455 -15.08 -38.08 -14.27
N ASN B 456 -16.03 -37.15 -14.38
CA ASN B 456 -17.39 -37.48 -14.82
C ASN B 456 -17.60 -37.13 -16.28
N GLY B 457 -16.53 -36.80 -16.99
CA GLY B 457 -16.63 -36.67 -18.44
C GLY B 457 -17.28 -35.38 -18.89
N LEU B 458 -17.47 -34.44 -17.96
CA LEU B 458 -18.03 -33.14 -18.29
C LEU B 458 -17.02 -32.28 -19.02
N THR B 459 -17.49 -31.37 -19.88
CA THR B 459 -16.61 -30.43 -20.56
C THR B 459 -17.42 -29.18 -20.84
N GLY B 460 -16.76 -28.04 -21.05
CA GLY B 460 -17.49 -26.79 -21.22
C GLY B 460 -18.15 -26.30 -19.95
N TYR B 461 -17.73 -26.81 -18.80
CA TYR B 461 -18.18 -26.27 -17.52
C TYR B 461 -17.20 -25.30 -16.88
N MET B 462 -17.70 -24.37 -16.08
CA MET B 462 -16.89 -23.66 -15.10
C MET B 462 -16.96 -24.39 -13.77
N SER B 463 -15.81 -24.59 -13.13
CA SER B 463 -15.79 -25.17 -11.79
C SER B 463 -16.48 -24.24 -10.81
N CYS B 464 -17.34 -24.77 -9.94
CA CYS B 464 -18.25 -23.95 -9.15
C CYS B 464 -18.32 -24.40 -7.70
N ILE B 465 -18.33 -23.45 -6.76
CA ILE B 465 -18.48 -23.74 -5.34
C ILE B 465 -19.46 -22.74 -4.76
N LYS B 466 -20.63 -23.18 -4.28
CA LYS B 466 -21.67 -22.28 -3.79
C LYS B 466 -21.64 -22.12 -2.27
N ASN B 467 -22.52 -21.26 -1.76
CA ASN B 467 -22.65 -21.04 -0.33
C ASN B 467 -21.33 -20.63 0.31
N LEU B 468 -20.64 -19.67 -0.30
CA LEU B 468 -19.27 -19.35 0.07
C LEU B 468 -19.21 -18.55 1.36
N ASN B 469 -20.36 -18.21 1.92
CA ASN B 469 -20.42 -17.50 3.19
C ASN B 469 -20.48 -18.44 4.38
N LEU B 470 -20.79 -19.72 4.14
CA LEU B 470 -20.78 -20.71 5.20
C LEU B 470 -19.35 -21.21 5.42
N LYS B 471 -19.13 -22.05 6.44
CA LYS B 471 -17.85 -22.72 6.59
C LYS B 471 -17.57 -23.64 5.40
N PRO B 472 -16.30 -23.74 4.98
CA PRO B 472 -15.91 -24.53 3.81
C PRO B 472 -16.59 -25.89 3.76
N THR B 473 -16.57 -26.62 4.87
CA THR B 473 -17.12 -27.97 4.92
C THR B 473 -18.56 -28.01 4.41
N ASP B 474 -19.33 -26.94 4.62
CA ASP B 474 -20.71 -26.89 4.16
C ASP B 474 -20.85 -26.26 2.78
N TRP B 475 -19.75 -26.05 2.06
CA TRP B 475 -19.84 -25.56 0.70
C TRP B 475 -20.42 -26.59 -0.26
N ILE B 476 -21.05 -26.14 -1.32
CA ILE B 476 -21.58 -27.04 -2.35
C ILE B 476 -20.72 -27.00 -3.60
N ALA B 477 -20.36 -28.16 -4.14
CA ALA B 477 -19.50 -28.24 -5.30
C ALA B 477 -20.28 -28.63 -6.53
N GLY B 478 -19.87 -28.17 -7.72
CA GLY B 478 -20.60 -28.47 -8.93
C GLY B 478 -20.03 -27.74 -10.14
N GLY B 479 -20.84 -27.64 -11.18
CA GLY B 479 -20.36 -27.06 -12.41
C GLY B 479 -21.41 -26.16 -13.03
N VAL B 480 -20.97 -25.03 -13.54
CA VAL B 480 -21.85 -24.09 -14.22
C VAL B 480 -21.50 -24.05 -15.70
N PRO B 481 -22.44 -24.44 -16.58
CA PRO B 481 -22.11 -24.47 -17.99
C PRO B 481 -21.79 -23.10 -18.56
N LEU B 482 -20.68 -23.00 -19.28
CA LEU B 482 -20.09 -21.71 -19.64
C LEU B 482 -21.01 -20.94 -20.57
N THR B 483 -21.76 -21.64 -21.42
CA THR B 483 -22.62 -20.97 -22.39
C THR B 483 -23.74 -20.16 -21.77
N MET B 484 -24.25 -20.56 -20.60
CA MET B 484 -25.32 -19.81 -19.97
C MET B 484 -24.87 -18.41 -19.60
N LEU B 485 -23.57 -18.17 -19.54
CA LEU B 485 -23.04 -16.88 -19.09
C LEU B 485 -22.91 -15.90 -20.25
N MET B 486 -23.28 -16.33 -21.45
CA MET B 486 -22.84 -15.66 -22.67
C MET B 486 -23.93 -14.82 -23.32
N ASN B 487 -23.54 -13.81 -24.09
CA ASN B 487 -24.35 -13.30 -25.17
C ASN B 487 -23.49 -13.28 -26.44
N MET B 488 -24.05 -12.86 -27.56
CA MET B 488 -23.24 -12.63 -28.76
C MET B 488 -22.76 -11.19 -28.87
N GLU B 489 -21.45 -10.97 -28.81
CA GLU B 489 -20.90 -9.67 -29.13
C GLU B 489 -20.49 -9.60 -30.59
N GLU B 490 -20.55 -8.42 -31.20
CA GLU B 490 -20.12 -8.28 -32.60
C GLU B 490 -19.07 -7.19 -32.60
N ARG B 491 -17.87 -7.40 -33.16
CA ARG B 491 -16.91 -6.32 -33.45
C ARG B 491 -16.18 -6.60 -34.77
N TYR B 492 -16.11 -5.67 -35.72
CA TYR B 492 -15.37 -5.99 -36.97
C TYR B 492 -15.92 -7.27 -37.63
N GLY B 493 -17.20 -7.24 -37.96
CA GLY B 493 -17.78 -8.14 -38.95
C GLY B 493 -18.31 -9.43 -38.34
N GLU B 494 -17.54 -9.99 -37.41
CA GLU B 494 -17.92 -11.27 -36.82
C GLU B 494 -18.77 -11.21 -35.58
N LYS B 495 -19.85 -11.97 -35.54
CA LYS B 495 -20.56 -12.23 -34.29
C LYS B 495 -19.80 -13.21 -33.40
N LYS B 496 -19.22 -12.72 -32.31
CA LYS B 496 -18.40 -13.55 -31.43
C LYS B 496 -19.10 -13.81 -30.10
N PRO B 497 -19.15 -15.09 -29.67
CA PRO B 497 -19.61 -15.37 -28.31
C PRO B 497 -18.72 -14.74 -27.27
N VAL B 498 -19.32 -14.22 -26.22
CA VAL B 498 -18.60 -13.58 -25.12
C VAL B 498 -19.34 -13.73 -23.80
N ILE B 499 -18.60 -13.81 -22.70
CA ILE B 499 -19.22 -13.80 -21.39
C ILE B 499 -19.44 -12.38 -20.93
N LYS B 500 -20.71 -11.98 -20.77
CA LYS B 500 -21.03 -10.66 -20.25
C LYS B 500 -20.33 -10.40 -18.92
N LYS B 501 -19.51 -9.35 -18.84
CA LYS B 501 -19.02 -8.88 -17.55
C LYS B 501 -20.16 -8.55 -16.62
N ALA B 502 -20.05 -9.01 -15.37
CA ALA B 502 -21.05 -8.68 -14.36
C ALA B 502 -20.65 -7.41 -13.62
N LEU B 503 -21.46 -6.37 -13.70
CA LEU B 503 -21.14 -5.09 -13.08
C LEU B 503 -21.89 -4.96 -11.77
N VAL B 504 -21.65 -3.88 -11.02
CA VAL B 504 -22.38 -3.67 -9.77
C VAL B 504 -23.88 -3.58 -10.00
N ASP B 505 -24.64 -4.46 -9.37
CA ASP B 505 -26.10 -4.40 -9.39
C ASP B 505 -26.58 -3.22 -8.55
N LEU B 506 -27.10 -2.17 -9.18
CA LEU B 506 -27.61 -1.01 -8.45
C LEU B 506 -28.86 -1.37 -7.65
N GLU B 507 -29.43 -2.54 -7.87
CA GLU B 507 -30.53 -3.04 -7.05
C GLU B 507 -30.05 -4.01 -5.98
N GLY B 508 -28.73 -4.23 -5.90
CA GLY B 508 -28.21 -5.25 -5.00
C GLY B 508 -27.92 -4.72 -3.61
N ARG B 509 -27.70 -5.63 -2.66
CA ARG B 509 -27.55 -5.23 -1.27
C ARG B 509 -26.26 -4.46 -0.98
N PRO B 510 -25.13 -4.92 -1.53
CA PRO B 510 -23.89 -4.18 -1.32
C PRO B 510 -24.02 -2.72 -1.73
N PHE B 511 -24.56 -2.44 -2.92
CA PHE B 511 -24.77 -1.06 -3.35
C PHE B 511 -25.83 -0.36 -2.50
N LYS B 512 -26.94 -1.01 -2.19
CA LYS B 512 -27.97 -0.36 -1.39
C LYS B 512 -27.47 0.00 0.01
N GLU B 513 -26.69 -0.88 0.63
CA GLU B 513 -26.06 -0.60 1.91
C GLU B 513 -25.20 0.66 1.84
N PHE B 514 -24.47 0.83 0.74
CA PHE B 514 -23.65 2.00 0.52
C PHE B 514 -24.49 3.26 0.38
N VAL B 515 -25.56 3.19 -0.41
CA VAL B 515 -26.45 4.33 -0.61
C VAL B 515 -27.06 4.80 0.71
N LYS B 516 -27.33 3.88 1.63
CA LYS B 516 -28.00 4.24 2.87
C LYS B 516 -27.08 4.97 3.84
N ASN B 517 -25.77 4.86 3.65
CA ASN B 517 -24.83 5.30 4.68
C ASN B 517 -23.81 6.29 4.17
N ARG B 518 -23.66 6.44 2.86
CA ARG B 518 -22.61 7.26 2.29
C ARG B 518 -22.75 8.73 2.69
N ASP B 519 -23.98 9.23 2.83
CA ASP B 519 -24.17 10.60 3.29
C ASP B 519 -23.69 10.82 4.71
N LYS B 520 -23.89 9.84 5.60
CA LYS B 520 -23.35 9.92 6.94
C LYS B 520 -21.82 9.92 6.90
N TRP B 521 -21.23 9.13 6.01
CA TRP B 521 -19.77 9.01 5.93
C TRP B 521 -19.12 10.28 5.40
N ALA B 522 -19.87 11.10 4.65
CA ALA B 522 -19.27 12.24 3.95
C ALA B 522 -18.87 13.33 4.93
N LEU B 523 -19.80 13.74 5.79
CA LEU B 523 -19.60 14.92 6.61
C LEU B 523 -19.15 14.56 8.01
N ASN B 524 -19.34 13.32 8.43
CA ASN B 524 -18.83 12.86 9.70
C ASN B 524 -17.52 12.13 9.46
N ASN B 525 -16.79 11.83 10.53
CA ASN B 525 -15.61 10.98 10.41
C ASN B 525 -15.87 9.61 11.01
N LEU B 526 -16.45 8.71 10.22
CA LEU B 526 -16.83 7.39 10.70
C LEU B 526 -15.95 6.35 10.03
N TYR B 527 -14.67 6.67 9.84
CA TYR B 527 -13.72 5.75 9.23
C TYR B 527 -13.61 4.44 9.99
N LEU B 528 -13.61 3.31 9.28
CA LEU B 528 -13.23 2.03 9.87
C LEU B 528 -11.77 1.74 9.55
N TYR B 529 -11.10 0.98 10.42
CA TYR B 529 -9.67 0.74 10.28
C TYR B 529 -9.37 -0.76 10.25
N PRO B 530 -9.57 -1.40 9.10
CA PRO B 530 -9.27 -2.83 9.00
C PRO B 530 -7.77 -3.11 9.12
N GLY B 531 -7.41 -4.29 9.59
CA GLY B 531 -6.01 -4.59 9.84
C GLY B 531 -5.43 -5.49 8.76
N PRO B 532 -4.17 -5.91 8.92
CA PRO B 532 -3.54 -6.78 7.93
C PRO B 532 -4.29 -8.10 7.89
N VAL B 533 -4.30 -8.79 6.75
CA VAL B 533 -4.80 -10.15 6.71
C VAL B 533 -4.07 -11.04 7.71
N GLN B 534 -4.82 -11.82 8.48
CA GLN B 534 -4.24 -12.69 9.50
C GLN B 534 -4.36 -14.15 9.09
N TYR B 535 -3.35 -14.96 9.38
CA TYR B 535 -3.38 -16.37 9.00
C TYR B 535 -3.23 -17.26 10.22
N PHE B 536 -3.11 -16.69 11.40
CA PHE B 536 -3.04 -17.46 12.64
C PHE B 536 -3.92 -16.75 13.68
N GLY B 537 -4.69 -17.49 14.46
CA GLY B 537 -5.63 -16.86 15.38
C GLY B 537 -7.05 -17.38 15.23
N SER B 538 -8.01 -16.62 15.75
CA SER B 538 -9.39 -17.08 15.85
C SER B 538 -10.01 -17.23 14.47
N SER B 539 -10.69 -18.35 14.22
CA SER B 539 -11.38 -18.57 12.94
C SER B 539 -12.13 -17.31 12.51
N GLU B 540 -12.71 -16.58 13.45
CA GLU B 540 -13.57 -15.46 13.09
C GLU B 540 -12.76 -14.32 12.45
N ILE B 541 -11.47 -14.21 12.77
CA ILE B 541 -10.59 -13.23 12.12
C ILE B 541 -9.95 -13.82 10.88
N VAL B 542 -9.39 -15.01 10.99
CA VAL B 542 -8.62 -15.61 9.91
C VAL B 542 -9.50 -16.02 8.74
N ASP B 543 -10.72 -16.48 9.00
CA ASP B 543 -11.60 -16.96 7.94
C ASP B 543 -12.67 -15.93 7.58
N GLU B 544 -12.40 -14.66 7.87
CA GLU B 544 -13.31 -13.58 7.51
C GLU B 544 -13.52 -13.46 6.01
N ILE B 545 -14.69 -12.98 5.59
CA ILE B 545 -14.98 -12.78 4.17
C ILE B 545 -15.34 -11.34 3.87
N THR B 546 -15.57 -11.03 2.59
CA THR B 546 -15.87 -9.67 2.17
C THR B 546 -17.24 -9.20 2.64
N GLU B 547 -17.41 -7.89 2.80
CA GLU B 547 -18.72 -7.30 3.05
C GLU B 547 -19.67 -7.62 1.91
N THR B 548 -19.22 -7.44 0.68
CA THR B 548 -20.02 -7.75 -0.50
C THR B 548 -20.63 -9.14 -0.42
N LEU B 549 -19.86 -10.13 0.00
CA LEU B 549 -20.31 -11.52 0.00
C LEU B 549 -21.29 -11.76 1.14
N LYS B 550 -21.10 -11.08 2.27
CA LYS B 550 -22.04 -11.15 3.39
C LYS B 550 -23.37 -10.55 3.00
N LEU B 551 -23.37 -9.34 2.46
CA LEU B 551 -24.59 -8.68 2.05
C LEU B 551 -25.35 -9.44 0.98
N GLU B 552 -24.66 -10.08 0.05
CA GLU B 552 -25.32 -10.77 -1.04
C GLU B 552 -25.89 -12.13 -0.64
N LEU B 553 -25.31 -12.81 0.34
CA LEU B 553 -25.35 -14.28 0.36
C LEU B 553 -26.45 -14.94 1.23
#